data_6YYJ
#
_entry.id   6YYJ
#
_cell.length_a   118.363
_cell.length_b   98.231
_cell.length_c   104.600
_cell.angle_alpha   90.000
_cell.angle_beta   90.000
_cell.angle_gamma   90.000
#
_symmetry.space_group_name_H-M   'P 21 21 2'
#
loop_
_entity.id
_entity.type
_entity.pdbx_description
1 polymer 'C-phycocyanin alpha chain'
2 polymer 'C-phycocyanin beta chain'
3 non-polymer '3-[5-[[(3~{R},4~{R})-3-ethyl-4-methyl-5-oxidanylidene-3,4-dihydropyrrol-2-yl]methyl]-2-[[5-[(~{Z})-(4-ethyl-3-methyl-5-oxidanylidene-pyrrol-2-ylidene)methyl]-3-(3-hydroxy-3-oxopropyl)-4-methyl-1~{H}-pyrrol-2-yl]methyl]-4-methyl-1~{H}-pyrrol-3-yl]propanoic acid'
4 non-polymer 'TRIETHYLENE GLYCOL'
5 non-polymer '2-(N-MORPHOLINO)-ETHANESULFONIC ACID'
6 water water
#
loop_
_entity_poly.entity_id
_entity_poly.type
_entity_poly.pdbx_seq_one_letter_code
_entity_poly.pdbx_strand_id
1 'polypeptide(L)'
;MKTPITEAIAAADTQGRFLSNTELQAVDGRFKRAVASMEAARALTNNAQSLIDGAAQAVYQKFPYTTTMQGSQYASTPEG
KAKCARDIGYYLRMVTYCLVAGGTGPMDEYLIAGLSEINSTFDLSPSWYIEALKYIKANHGLTGQAAVEANAYIDYAINA
LS
;
A,C,E
2 'polypeptide(L)'
;MLDAFAKVVAQADARGEFLTNAQFDALSNLVKEGNKRLDAVNRITSNASTIVANAARALFAEQPQLIQPGG(MEN)AYTN
RRMAACLRDMEIILRYVTYAILAGDSSVLDDRCLNGLRETYQALGTPGSSVAVAIQKMKDAAIAIANDPNGITPGDCSAL
MSEIAGYFDRAAAAVA
;
B,D,F
#
# COMPACT_ATOMS: atom_id res chain seq x y z
N MET A 1 2.92 12.16 -19.46
CA MET A 1 2.50 11.00 -20.27
C MET A 1 1.53 10.21 -19.42
N LYS A 2 0.37 9.87 -19.99
CA LYS A 2 -0.70 9.24 -19.21
C LYS A 2 -0.41 7.76 -18.97
N THR A 3 -0.22 7.41 -17.68
CA THR A 3 -0.12 6.02 -17.22
C THR A 3 -1.01 5.91 -16.00
N PRO A 4 -1.29 4.69 -15.52
CA PRO A 4 -2.07 4.56 -14.27
C PRO A 4 -1.38 5.28 -13.12
N ILE A 5 -0.05 5.28 -13.11
CA ILE A 5 0.69 5.87 -11.99
C ILE A 5 0.66 7.39 -12.08
N THR A 6 1.03 7.95 -13.24
CA THR A 6 0.98 9.41 -13.35
C THR A 6 -0.46 9.94 -13.19
N GLU A 7 -1.44 9.12 -13.53
CA GLU A 7 -2.80 9.59 -13.33
C GLU A 7 -3.16 9.58 -11.86
N ALA A 8 -2.79 8.52 -11.14
CA ALA A 8 -2.98 8.54 -9.69
C ALA A 8 -2.29 9.75 -9.05
N ILE A 9 -1.06 10.03 -9.43
CA ILE A 9 -0.37 11.19 -8.89
C ILE A 9 -1.12 12.47 -9.29
N ALA A 10 -1.45 12.62 -10.58
CA ALA A 10 -2.13 13.81 -11.05
C ALA A 10 -3.39 14.13 -10.24
N ALA A 11 -4.13 13.09 -9.86
CA ALA A 11 -5.36 13.26 -9.08
C ALA A 11 -5.08 13.83 -7.70
N ALA A 12 -4.06 13.31 -7.03
CA ALA A 12 -3.72 13.83 -5.70
C ALA A 12 -3.23 15.27 -5.81
N ASP A 13 -2.38 15.53 -6.80
CA ASP A 13 -1.78 16.85 -6.93
C ASP A 13 -2.83 17.90 -7.26
N THR A 14 -3.85 17.54 -8.02
CA THR A 14 -4.85 18.53 -8.41
C THR A 14 -5.62 19.03 -7.19
N GLN A 15 -5.72 18.18 -6.17
CA GLN A 15 -6.41 18.45 -4.92
C GLN A 15 -5.45 18.86 -3.83
N GLY A 16 -4.17 19.02 -4.14
CA GLY A 16 -3.20 19.40 -3.14
C GLY A 16 -3.02 18.39 -2.03
N ARG A 17 -3.30 17.11 -2.29
CA ARG A 17 -3.31 16.08 -1.25
C ARG A 17 -2.17 15.09 -1.43
N PHE A 18 -1.57 14.69 -0.31
CA PHE A 18 -0.73 13.52 -0.33
C PHE A 18 -1.47 12.38 -1.00
N LEU A 19 -0.71 11.44 -1.57
CA LEU A 19 -1.27 10.17 -1.99
C LEU A 19 -2.03 9.51 -0.86
N SER A 20 -3.12 8.82 -1.22
CA SER A 20 -3.94 8.07 -0.29
C SER A 20 -4.05 6.61 -0.73
N ASN A 21 -4.70 5.81 0.10
CA ASN A 21 -4.94 4.41 -0.25
C ASN A 21 -5.70 4.29 -1.56
N THR A 22 -6.65 5.21 -1.75
CA THR A 22 -7.39 5.34 -2.99
C THR A 22 -6.47 5.13 -4.17
N GLU A 23 -5.35 5.86 -4.19
CA GLU A 23 -4.41 5.80 -5.32
C GLU A 23 -3.52 4.55 -5.29
N LEU A 24 -3.00 4.16 -4.11
CA LEU A 24 -2.10 3.00 -4.09
C LEU A 24 -2.80 1.76 -4.67
N GLN A 25 -4.11 1.65 -4.51
CA GLN A 25 -4.84 0.53 -5.10
C GLN A 25 -4.72 0.55 -6.62
N ALA A 26 -4.87 1.73 -7.20
CA ALA A 26 -4.71 1.87 -8.64
C ALA A 26 -3.39 1.30 -9.11
N VAL A 27 -2.29 1.73 -8.49
CA VAL A 27 -0.96 1.31 -8.95
C VAL A 27 -0.76 -0.19 -8.74
N ASP A 28 -1.25 -0.74 -7.64
CA ASP A 28 -1.15 -2.18 -7.45
C ASP A 28 -1.82 -2.91 -8.61
N GLY A 29 -3.03 -2.45 -8.97
CA GLY A 29 -3.72 -3.04 -10.12
C GLY A 29 -2.87 -2.97 -11.38
N ARG A 30 -2.17 -1.85 -11.56
CA ARG A 30 -1.23 -1.75 -12.67
C ARG A 30 -0.14 -2.81 -12.56
N PHE A 31 0.45 -2.95 -11.37
CA PHE A 31 1.58 -3.88 -11.22
C PHE A 31 1.14 -5.30 -11.52
N LYS A 32 -0.06 -5.67 -11.07
CA LYS A 32 -0.49 -7.05 -11.28
C LYS A 32 -0.82 -7.28 -12.74
N ARG A 33 -1.38 -6.27 -13.42
CA ARG A 33 -1.65 -6.40 -14.85
C ARG A 33 -0.36 -6.41 -15.65
N ALA A 34 0.70 -5.80 -15.12
CA ALA A 34 1.94 -5.66 -15.86
C ALA A 34 2.49 -7.02 -16.31
N VAL A 35 2.21 -8.10 -15.58
CA VAL A 35 2.69 -9.42 -16.01
C VAL A 35 2.19 -9.76 -17.42
N ALA A 36 0.88 -9.68 -17.61
CA ALA A 36 0.31 -9.87 -18.94
C ALA A 36 0.84 -8.84 -19.93
N SER A 37 1.01 -7.59 -19.49
CA SER A 37 1.36 -6.53 -20.43
C SER A 37 2.77 -6.76 -21.02
N MET A 38 3.76 -7.08 -20.19
CA MET A 38 5.09 -7.17 -20.78
C MET A 38 5.26 -8.45 -21.57
N GLU A 39 4.55 -9.50 -21.21
CA GLU A 39 4.51 -10.68 -22.08
C GLU A 39 4.13 -10.26 -23.50
N ALA A 40 2.97 -9.61 -23.60
CA ALA A 40 2.51 -9.23 -24.93
C ALA A 40 3.53 -8.33 -25.60
N ALA A 41 4.08 -7.36 -24.86
CA ALA A 41 5.01 -6.45 -25.48
C ALA A 41 6.24 -7.20 -25.96
N ARG A 42 6.77 -8.09 -25.10
CA ARG A 42 7.90 -8.92 -25.50
CA ARG A 42 7.89 -8.96 -25.48
C ARG A 42 7.59 -9.73 -26.76
N ALA A 43 6.40 -10.36 -26.83
CA ALA A 43 6.08 -11.19 -27.99
C ALA A 43 5.94 -10.35 -29.26
N LEU A 44 5.36 -9.16 -29.15
CA LEU A 44 5.18 -8.30 -30.30
C LEU A 44 6.51 -7.77 -30.81
N THR A 45 7.41 -7.42 -29.88
CA THR A 45 8.75 -6.91 -30.19
C THR A 45 9.62 -8.01 -30.83
N ASN A 46 9.72 -9.16 -30.17
CA ASN A 46 10.48 -10.26 -30.73
C ASN A 46 10.03 -10.62 -32.14
N ASN A 47 8.77 -10.37 -32.49
CA ASN A 47 8.31 -10.79 -33.81
C ASN A 47 7.75 -9.63 -34.63
N ALA A 48 8.39 -8.46 -34.49
CA ALA A 48 7.90 -7.24 -35.08
C ALA A 48 8.09 -7.21 -36.59
N GLN A 49 9.24 -7.69 -37.08
CA GLN A 49 9.50 -7.59 -38.53
C GLN A 49 8.50 -8.41 -39.32
N SER A 50 8.12 -9.57 -38.80
CA SER A 50 7.08 -10.35 -39.43
C SER A 50 5.77 -9.58 -39.40
N LEU A 51 5.36 -9.12 -38.22
CA LEU A 51 4.09 -8.40 -38.12
C LEU A 51 4.07 -7.19 -39.06
N ILE A 52 5.16 -6.44 -39.10
CA ILE A 52 5.25 -5.27 -39.98
C ILE A 52 5.17 -5.69 -41.46
N ASP A 53 6.07 -6.58 -41.89
CA ASP A 53 6.08 -6.99 -43.29
C ASP A 53 4.73 -7.57 -43.72
N GLY A 54 4.10 -8.35 -42.83
CA GLY A 54 2.81 -8.94 -43.15
C GLY A 54 1.64 -7.98 -43.08
N ALA A 55 1.70 -6.96 -42.19
CA ALA A 55 0.63 -5.96 -42.16
C ALA A 55 0.69 -5.06 -43.38
N ALA A 56 1.90 -4.70 -43.83
CA ALA A 56 2.02 -3.94 -45.08
C ALA A 56 1.40 -4.70 -46.27
N GLN A 57 1.86 -5.92 -46.53
CA GLN A 57 1.28 -6.69 -47.63
C GLN A 57 -0.23 -6.79 -47.46
N ALA A 58 -0.70 -6.86 -46.22
CA ALA A 58 -2.14 -6.95 -45.97
C ALA A 58 -2.86 -5.71 -46.49
N VAL A 59 -2.25 -4.54 -46.32
CA VAL A 59 -2.91 -3.32 -46.77
C VAL A 59 -2.91 -3.28 -48.28
N TYR A 60 -1.78 -3.62 -48.89
CA TYR A 60 -1.70 -3.68 -50.34
C TYR A 60 -2.73 -4.62 -50.90
N GLN A 61 -2.96 -5.75 -50.24
CA GLN A 61 -3.87 -6.72 -50.82
C GLN A 61 -5.30 -6.22 -50.77
N LYS A 62 -5.65 -5.47 -49.72
CA LYS A 62 -7.02 -4.94 -49.59
C LYS A 62 -7.25 -3.65 -50.39
N PHE A 63 -6.23 -2.80 -50.51
CA PHE A 63 -6.31 -1.57 -51.28
C PHE A 63 -5.20 -1.62 -52.34
N PRO A 64 -5.35 -2.50 -53.33
CA PRO A 64 -4.25 -2.68 -54.31
C PRO A 64 -4.03 -1.44 -55.18
N TYR A 65 -4.98 -0.51 -55.22
CA TYR A 65 -4.74 0.76 -55.88
C TYR A 65 -3.61 1.56 -55.22
N THR A 66 -3.30 1.30 -53.94
CA THR A 66 -2.19 1.97 -53.27
C THR A 66 -0.84 1.53 -53.80
N THR A 67 -0.80 0.42 -54.53
CA THR A 67 0.42 -0.09 -55.11
C THR A 67 0.67 0.46 -56.50
N THR A 68 -0.34 1.09 -57.13
CA THR A 68 -0.16 1.53 -58.50
C THR A 68 -0.50 2.98 -58.84
N MET A 69 -1.48 3.59 -58.16
CA MET A 69 -1.86 4.97 -58.47
C MET A 69 -0.70 5.94 -58.24
N GLN A 70 -0.51 6.87 -59.19
CA GLN A 70 0.61 7.81 -59.16
C GLN A 70 0.44 8.81 -58.01
N GLY A 71 1.51 9.04 -57.26
CA GLY A 71 1.52 10.08 -56.24
C GLY A 71 2.43 9.81 -55.05
N SER A 72 2.81 10.92 -54.39
CA SER A 72 3.61 10.85 -53.17
C SER A 72 2.94 9.99 -52.12
N GLN A 73 1.65 10.20 -51.91
CA GLN A 73 0.97 9.54 -50.81
C GLN A 73 0.81 8.04 -51.00
N TYR A 74 1.23 7.47 -52.13
CA TYR A 74 0.99 6.06 -52.38
C TYR A 74 2.27 5.25 -52.25
N ALA A 75 2.08 3.94 -51.98
CA ALA A 75 3.15 2.94 -51.94
C ALA A 75 3.38 2.48 -53.28
N SER A 76 2.95 3.34 -54.19
CA SER A 76 3.58 3.18 -55.54
C SER A 76 5.10 3.29 -55.58
N THR A 77 5.93 3.52 -54.62
CA THR A 77 7.20 3.65 -55.34
C THR A 77 8.02 2.76 -54.48
N PRO A 78 9.30 2.58 -54.74
CA PRO A 78 10.09 2.04 -53.62
C PRO A 78 9.99 2.93 -52.38
N GLU A 79 10.29 4.21 -52.53
CA GLU A 79 10.20 5.14 -51.39
C GLU A 79 8.84 5.05 -50.70
N GLY A 80 7.77 4.94 -51.48
CA GLY A 80 6.46 4.83 -50.87
C GLY A 80 6.29 3.54 -50.09
N LYS A 81 6.65 2.41 -50.72
CA LYS A 81 6.58 1.13 -50.04
C LYS A 81 7.37 1.20 -48.72
N ALA A 82 8.49 1.92 -48.73
CA ALA A 82 9.32 2.05 -47.53
C ALA A 82 8.66 2.95 -46.48
N LYS A 83 8.09 4.08 -46.91
CA LYS A 83 7.31 4.89 -45.99
C LYS A 83 6.22 4.07 -45.31
N CYS A 84 5.42 3.36 -46.11
CA CYS A 84 4.28 2.67 -45.53
C CYS A 84 4.73 1.71 -44.46
N ALA A 85 5.77 0.92 -44.76
CA ALA A 85 6.35 0.02 -43.79
C ALA A 85 6.85 0.77 -42.56
N ARG A 86 7.50 1.92 -42.77
CA ARG A 86 7.94 2.73 -41.65
C ARG A 86 6.76 3.10 -40.76
N ASP A 87 5.69 3.62 -41.37
CA ASP A 87 4.54 4.02 -40.57
C ASP A 87 4.01 2.84 -39.77
N ILE A 88 4.00 1.66 -40.37
CA ILE A 88 3.31 0.55 -39.71
C ILE A 88 4.11 0.11 -38.50
N GLY A 89 5.43 0.05 -38.65
CA GLY A 89 6.33 -0.19 -37.52
C GLY A 89 6.16 0.83 -36.42
N TYR A 90 5.89 2.10 -36.78
CA TYR A 90 5.60 3.12 -35.78
C TYR A 90 4.39 2.74 -34.91
N TYR A 91 3.26 2.40 -35.55
CA TYR A 91 2.08 1.95 -34.81
C TYR A 91 2.42 0.73 -33.94
N LEU A 92 3.19 -0.21 -34.49
CA LEU A 92 3.52 -1.39 -33.69
C LEU A 92 4.37 -1.01 -32.49
N ARG A 93 5.41 -0.19 -32.72
CA ARG A 93 6.27 0.24 -31.63
C ARG A 93 5.43 0.92 -30.55
N MET A 94 4.47 1.76 -30.96
CA MET A 94 3.68 2.49 -29.99
C MET A 94 2.77 1.56 -29.21
N VAL A 95 2.24 0.53 -29.86
CA VAL A 95 1.48 -0.47 -29.14
C VAL A 95 2.33 -1.10 -28.05
N THR A 96 3.61 -1.41 -28.34
CA THR A 96 4.44 -2.04 -27.30
C THR A 96 4.74 -1.04 -26.18
N TYR A 97 4.97 0.22 -26.56
CA TYR A 97 5.21 1.27 -25.57
C TYR A 97 4.01 1.40 -24.63
N CYS A 98 2.78 1.27 -25.16
CA CYS A 98 1.63 1.38 -24.25
C CYS A 98 1.62 0.21 -23.29
N LEU A 99 2.02 -0.97 -23.78
CA LEU A 99 2.00 -2.16 -22.93
C LEU A 99 3.02 -2.04 -21.82
N VAL A 100 4.17 -1.47 -22.14
CA VAL A 100 5.21 -1.25 -21.13
C VAL A 100 4.73 -0.24 -20.10
N ALA A 101 4.09 0.85 -20.55
CA ALA A 101 3.67 1.89 -19.62
C ALA A 101 2.36 1.56 -18.95
N GLY A 102 1.64 0.54 -19.41
CA GLY A 102 0.30 0.25 -18.91
C GLY A 102 -0.71 1.35 -19.17
N GLY A 103 -0.52 2.14 -20.23
CA GLY A 103 -1.52 3.13 -20.60
C GLY A 103 -1.31 3.70 -21.99
N THR A 104 -2.31 4.49 -22.43
CA THR A 104 -2.31 5.03 -23.79
C THR A 104 -1.29 6.14 -24.00
N GLY A 105 -0.71 6.67 -22.93
CA GLY A 105 0.18 7.82 -22.98
C GLY A 105 1.09 7.91 -24.19
N PRO A 106 1.96 6.92 -24.40
CA PRO A 106 2.94 7.02 -25.48
C PRO A 106 2.30 7.21 -26.84
N MET A 107 1.25 6.44 -27.12
CA MET A 107 0.50 6.57 -28.37
C MET A 107 -0.17 7.94 -28.50
N ASP A 108 -0.73 8.43 -27.39
CA ASP A 108 -1.38 9.74 -27.38
C ASP A 108 -0.40 10.83 -27.71
N GLU A 109 0.76 10.83 -27.08
CA GLU A 109 1.70 11.93 -27.25
C GLU A 109 2.41 11.84 -28.58
N TYR A 110 2.83 10.64 -28.96
CA TYR A 110 3.73 10.47 -30.10
C TYR A 110 2.99 10.26 -31.43
N LEU A 111 1.75 9.78 -31.42
CA LEU A 111 1.08 9.47 -32.68
C LEU A 111 -0.30 10.10 -32.77
N ILE A 112 -1.14 10.01 -31.75
CA ILE A 112 -2.52 10.43 -31.95
C ILE A 112 -2.62 11.96 -31.99
N ALA A 113 -1.87 12.65 -31.16
CA ALA A 113 -1.90 14.10 -31.22
C ALA A 113 -1.34 14.53 -32.58
N GLY A 114 -2.17 15.20 -33.39
CA GLY A 114 -1.78 15.57 -34.73
C GLY A 114 -2.10 14.56 -35.82
N LEU A 115 -2.67 13.40 -35.45
CA LEU A 115 -2.93 12.33 -36.41
C LEU A 115 -3.82 12.80 -37.56
N SER A 116 -4.95 13.42 -37.22
CA SER A 116 -5.87 13.88 -38.26
C SER A 116 -5.21 14.93 -39.15
N GLU A 117 -4.41 15.81 -38.55
CA GLU A 117 -3.77 16.86 -39.33
C GLU A 117 -2.87 16.25 -40.38
N ILE A 118 -2.11 15.22 -40.00
CA ILE A 118 -1.09 14.66 -40.88
C ILE A 118 -1.75 13.87 -42.02
N ASN A 119 -2.80 13.13 -41.70
CA ASN A 119 -3.40 12.29 -42.73
C ASN A 119 -4.14 13.16 -43.75
N SER A 120 -4.76 14.24 -43.30
CA SER A 120 -5.42 15.13 -44.22
C SER A 120 -4.40 15.83 -45.09
N THR A 121 -3.34 16.35 -44.47
CA THR A 121 -2.32 17.10 -45.19
C THR A 121 -1.55 16.25 -46.22
N PHE A 122 -1.20 15.02 -45.88
CA PHE A 122 -0.45 14.20 -46.80
C PHE A 122 -1.35 13.21 -47.58
N ASP A 123 -2.67 13.40 -47.54
CA ASP A 123 -3.67 12.55 -48.20
C ASP A 123 -3.38 11.07 -48.00
N LEU A 124 -3.19 10.69 -46.74
CA LEU A 124 -3.10 9.31 -46.31
C LEU A 124 -4.46 8.95 -45.73
N SER A 125 -4.90 7.70 -45.92
CA SER A 125 -6.25 7.40 -45.53
C SER A 125 -6.28 6.49 -44.30
N PRO A 126 -7.13 6.81 -43.31
CA PRO A 126 -7.12 6.03 -42.06
C PRO A 126 -7.40 4.55 -42.26
N SER A 127 -8.28 4.22 -43.20
CA SER A 127 -8.65 2.82 -43.38
C SER A 127 -7.43 2.01 -43.76
N TRP A 128 -6.45 2.63 -44.41
CA TRP A 128 -5.19 1.94 -44.65
C TRP A 128 -4.58 1.42 -43.34
N TYR A 129 -4.37 2.33 -42.38
CA TYR A 129 -3.78 1.93 -41.11
C TYR A 129 -4.73 1.05 -40.33
N ILE A 130 -6.04 1.24 -40.50
CA ILE A 130 -6.98 0.36 -39.78
C ILE A 130 -6.77 -1.09 -40.21
N GLU A 131 -6.60 -1.34 -41.51
CA GLU A 131 -6.39 -2.72 -41.96
C GLU A 131 -5.06 -3.29 -41.43
N ALA A 132 -4.00 -2.49 -41.43
CA ALA A 132 -2.74 -2.98 -40.87
C ALA A 132 -2.87 -3.38 -39.40
N LEU A 133 -3.67 -2.64 -38.65
CA LEU A 133 -3.86 -2.93 -37.24
C LEU A 133 -4.68 -4.19 -37.05
N LYS A 134 -5.75 -4.33 -37.83
CA LYS A 134 -6.50 -5.58 -37.90
C LYS A 134 -5.56 -6.76 -38.11
N TYR A 135 -4.65 -6.64 -39.08
CA TYR A 135 -3.71 -7.74 -39.31
C TYR A 135 -2.87 -8.03 -38.08
N ILE A 136 -2.37 -7.00 -37.40
CA ILE A 136 -1.52 -7.24 -36.23
C ILE A 136 -2.32 -8.01 -35.18
N LYS A 137 -3.55 -7.58 -34.93
CA LYS A 137 -4.40 -8.25 -33.97
C LYS A 137 -4.47 -9.75 -34.27
N ALA A 138 -4.69 -10.07 -35.56
CA ALA A 138 -5.02 -11.41 -35.99
C ALA A 138 -3.83 -12.35 -35.95
N ASN A 139 -2.62 -11.83 -35.83
CA ASN A 139 -1.43 -12.63 -36.03
C ASN A 139 -0.36 -12.46 -34.96
N HIS A 140 -0.66 -11.80 -33.84
CA HIS A 140 0.38 -11.67 -32.81
C HIS A 140 0.60 -13.00 -32.07
N GLY A 141 -0.28 -13.98 -32.25
CA GLY A 141 -0.15 -15.25 -31.56
C GLY A 141 -0.54 -15.26 -30.11
N LEU A 142 -0.90 -14.11 -29.54
CA LEU A 142 -1.10 -14.02 -28.09
C LEU A 142 -2.33 -14.78 -27.64
N THR A 143 -2.27 -15.25 -26.40
CA THR A 143 -3.34 -15.98 -25.76
C THR A 143 -3.58 -15.39 -24.38
N GLY A 144 -4.73 -15.71 -23.82
CA GLY A 144 -4.98 -15.26 -22.49
C GLY A 144 -5.04 -13.75 -22.41
N GLN A 145 -4.76 -13.27 -21.19
CA GLN A 145 -4.82 -11.84 -20.90
C GLN A 145 -3.72 -11.08 -21.62
N ALA A 146 -2.59 -11.74 -21.94
CA ALA A 146 -1.60 -11.09 -22.79
C ALA A 146 -2.27 -10.62 -24.07
N ALA A 147 -3.18 -11.45 -24.60
CA ALA A 147 -3.87 -11.10 -25.85
C ALA A 147 -4.87 -9.97 -25.61
N VAL A 148 -5.67 -10.08 -24.55
CA VAL A 148 -6.61 -9.01 -24.21
C VAL A 148 -5.87 -7.68 -24.07
N GLU A 149 -4.67 -7.70 -23.48
CA GLU A 149 -3.92 -6.45 -23.31
C GLU A 149 -3.55 -5.88 -24.66
N ALA A 150 -2.99 -6.71 -25.54
CA ALA A 150 -2.52 -6.21 -26.83
C ALA A 150 -3.67 -5.62 -27.63
N ASN A 151 -4.79 -6.34 -27.64
CA ASN A 151 -5.90 -5.92 -28.47
C ASN A 151 -6.61 -4.70 -27.91
N ALA A 152 -6.61 -4.52 -26.58
CA ALA A 152 -7.11 -3.26 -26.04
C ALA A 152 -6.44 -2.07 -26.73
N TYR A 153 -5.10 -2.10 -26.79
CA TYR A 153 -4.38 -0.96 -27.32
C TYR A 153 -4.46 -0.93 -28.84
N ILE A 154 -4.55 -2.08 -29.49
CA ILE A 154 -4.71 -2.05 -30.94
C ILE A 154 -6.07 -1.48 -31.30
N ASP A 155 -7.13 -1.86 -30.57
CA ASP A 155 -8.46 -1.29 -30.82
C ASP A 155 -8.51 0.22 -30.51
N TYR A 156 -7.73 0.67 -29.53
CA TYR A 156 -7.66 2.10 -29.22
C TYR A 156 -7.15 2.89 -30.41
N ALA A 157 -6.01 2.47 -30.96
CA ALA A 157 -5.51 2.98 -32.23
C ALA A 157 -6.57 2.95 -33.29
N ILE A 158 -7.36 1.88 -33.36
CA ILE A 158 -8.33 1.78 -34.43
C ILE A 158 -9.46 2.78 -34.21
N ASN A 159 -10.01 2.81 -33.00
CA ASN A 159 -10.96 3.86 -32.65
C ASN A 159 -10.42 5.23 -33.04
N ALA A 160 -9.15 5.50 -32.70
CA ALA A 160 -8.59 6.81 -32.96
C ALA A 160 -8.63 7.14 -34.44
N LEU A 161 -8.44 6.14 -35.32
CA LEU A 161 -8.49 6.37 -36.76
C LEU A 161 -9.91 6.44 -37.31
N SER A 162 -10.91 6.15 -36.48
CA SER A 162 -12.31 6.15 -36.89
C SER A 162 -13.05 7.37 -36.36
N MET B 1 4.71 14.56 -17.19
CA MET B 1 5.26 13.84 -16.02
C MET B 1 5.51 12.39 -16.43
N LEU B 2 6.68 11.84 -16.10
CA LEU B 2 7.00 10.44 -16.39
C LEU B 2 7.05 9.59 -15.13
N ASP B 3 6.54 8.37 -15.22
CA ASP B 3 6.90 7.36 -14.24
C ASP B 3 8.14 6.62 -14.76
N ALA B 4 8.56 5.59 -14.03
CA ALA B 4 9.78 4.90 -14.44
C ALA B 4 9.59 4.21 -15.78
N PHE B 5 8.41 3.63 -16.00
CA PHE B 5 8.16 2.97 -17.28
C PHE B 5 8.11 3.98 -18.43
N ALA B 6 7.44 5.12 -18.22
CA ALA B 6 7.40 6.10 -19.31
C ALA B 6 8.77 6.69 -19.60
N LYS B 7 9.66 6.73 -18.60
CA LYS B 7 10.97 7.31 -18.86
C LYS B 7 11.72 6.43 -19.86
N VAL B 8 11.68 5.11 -19.65
CA VAL B 8 12.35 4.22 -20.60
C VAL B 8 11.65 4.28 -21.95
N VAL B 9 10.30 4.34 -21.95
CA VAL B 9 9.58 4.47 -23.22
C VAL B 9 10.09 5.68 -23.99
N ALA B 10 10.23 6.82 -23.30
CA ALA B 10 10.57 8.05 -24.00
C ALA B 10 12.00 8.00 -24.53
N GLN B 11 12.91 7.43 -23.75
CA GLN B 11 14.27 7.29 -24.24
C GLN B 11 14.30 6.40 -25.49
N ALA B 12 13.57 5.29 -25.49
CA ALA B 12 13.56 4.46 -26.68
C ALA B 12 12.93 5.18 -27.87
N ASP B 13 11.90 6.01 -27.63
CA ASP B 13 11.25 6.67 -28.75
C ASP B 13 12.20 7.63 -29.44
N ALA B 14 12.98 8.38 -28.66
CA ALA B 14 13.94 9.29 -29.25
C ALA B 14 14.94 8.57 -30.14
N ARG B 15 15.10 7.25 -29.96
CA ARG B 15 15.96 6.46 -30.84
C ARG B 15 15.18 5.69 -31.89
N GLY B 16 13.86 5.68 -31.81
CA GLY B 16 13.08 4.91 -32.75
C GLY B 16 13.13 3.43 -32.48
N GLU B 17 13.32 3.04 -31.23
CA GLU B 17 13.76 1.69 -30.91
C GLU B 17 12.72 0.97 -30.07
N PHE B 18 12.39 -0.26 -30.46
CA PHE B 18 11.76 -1.20 -29.54
C PHE B 18 12.65 -1.37 -28.31
N LEU B 19 12.07 -1.92 -27.25
CA LEU B 19 12.85 -2.15 -26.05
C LEU B 19 13.71 -3.40 -26.22
N THR B 20 14.84 -3.40 -25.51
CA THR B 20 15.68 -4.60 -25.39
C THR B 20 15.26 -5.43 -24.18
N ASN B 21 15.80 -6.66 -24.12
CA ASN B 21 15.50 -7.55 -23.00
C ASN B 21 16.09 -7.02 -21.70
N ALA B 22 17.29 -6.42 -21.78
CA ALA B 22 17.81 -5.72 -20.63
C ALA B 22 16.80 -4.73 -20.09
N GLN B 23 16.12 -4.03 -21.00
CA GLN B 23 15.12 -3.06 -20.58
C GLN B 23 13.86 -3.75 -20.10
N PHE B 24 13.39 -4.76 -20.82
CA PHE B 24 12.23 -5.52 -20.37
C PHE B 24 12.48 -6.06 -18.97
N ASP B 25 13.55 -6.84 -18.81
CA ASP B 25 13.91 -7.36 -17.50
C ASP B 25 13.91 -6.27 -16.44
N ALA B 26 14.76 -5.26 -16.62
CA ALA B 26 14.81 -4.14 -15.71
C ALA B 26 13.40 -3.78 -15.21
N LEU B 27 12.57 -3.25 -16.11
CA LEU B 27 11.26 -2.79 -15.71
C LEU B 27 10.46 -3.92 -15.06
N SER B 28 10.55 -5.14 -15.61
CA SER B 28 9.75 -6.23 -15.09
C SER B 28 10.18 -6.61 -13.67
N ASN B 29 11.48 -6.50 -13.37
CA ASN B 29 11.94 -6.68 -12.00
C ASN B 29 11.43 -5.54 -11.10
N LEU B 30 11.39 -4.31 -11.64
CA LEU B 30 10.75 -3.21 -10.91
C LEU B 30 9.33 -3.58 -10.49
N VAL B 31 8.56 -4.15 -11.42
CA VAL B 31 7.19 -4.55 -11.08
C VAL B 31 7.20 -5.59 -9.98
N LYS B 32 8.15 -6.54 -10.07
CA LYS B 32 8.18 -7.69 -9.16
C LYS B 32 8.36 -7.22 -7.74
N GLU B 33 9.16 -6.19 -7.56
CA GLU B 33 9.39 -5.57 -6.28
C GLU B 33 8.32 -4.55 -5.89
N GLY B 34 7.27 -4.39 -6.70
CA GLY B 34 6.36 -3.26 -6.50
C GLY B 34 5.69 -3.18 -5.13
N ASN B 35 5.40 -4.32 -4.51
CA ASN B 35 4.78 -4.24 -3.19
C ASN B 35 5.60 -3.41 -2.20
N LYS B 36 6.94 -3.41 -2.36
CA LYS B 36 7.78 -2.72 -1.40
C LYS B 36 7.64 -1.22 -1.60
N ARG B 37 7.48 -0.81 -2.85
CA ARG B 37 7.28 0.60 -3.18
C ARG B 37 5.95 1.10 -2.62
N LEU B 38 4.93 0.25 -2.64
CA LEU B 38 3.65 0.64 -2.08
C LEU B 38 3.74 0.77 -0.56
N ASP B 39 4.47 -0.14 0.09
CA ASP B 39 4.60 -0.06 1.54
C ASP B 39 5.33 1.23 1.93
N ALA B 40 6.36 1.60 1.16
CA ALA B 40 7.15 2.78 1.47
C ALA B 40 6.29 4.05 1.38
N VAL B 41 5.57 4.20 0.27
CA VAL B 41 4.69 5.36 0.14
C VAL B 41 3.62 5.35 1.24
N ASN B 42 2.98 4.17 1.44
CA ASN B 42 1.95 4.09 2.49
C ASN B 42 2.54 4.47 3.84
N ARG B 43 3.78 4.07 4.10
CA ARG B 43 4.34 4.29 5.43
C ARG B 43 4.69 5.75 5.66
N ILE B 44 5.31 6.40 4.67
CA ILE B 44 5.71 7.80 4.85
C ILE B 44 4.47 8.70 4.90
N THR B 45 3.54 8.50 3.95
CA THR B 45 2.32 9.29 3.87
C THR B 45 1.51 9.15 5.15
N SER B 46 1.35 7.92 5.61
CA SER B 46 0.58 7.67 6.81
C SER B 46 1.19 8.35 8.01
N ASN B 47 2.45 8.81 7.94
CA ASN B 47 3.08 9.48 9.08
C ASN B 47 3.54 10.89 8.73
N ALA B 48 2.91 11.53 7.74
CA ALA B 48 3.48 12.78 7.24
C ALA B 48 3.45 13.89 8.29
N SER B 49 2.33 14.02 9.01
CA SER B 49 2.21 15.10 9.99
C SER B 49 3.29 14.95 11.06
N THR B 50 3.58 13.74 11.46
CA THR B 50 4.63 13.55 12.44
C THR B 50 5.99 13.89 11.83
N ILE B 51 6.21 13.49 10.57
CA ILE B 51 7.52 13.73 9.99
C ILE B 51 7.77 15.23 9.91
N VAL B 52 6.77 15.96 9.46
CA VAL B 52 6.92 17.40 9.29
C VAL B 52 7.12 18.06 10.64
N ALA B 53 6.26 17.73 11.60
CA ALA B 53 6.25 18.48 12.85
C ALA B 53 7.53 18.21 13.64
N ASN B 54 8.00 16.96 13.69
CA ASN B 54 9.21 16.71 14.45
C ASN B 54 10.42 17.32 13.74
N ALA B 55 10.47 17.21 12.42
CA ALA B 55 11.58 17.81 11.70
C ALA B 55 11.62 19.32 11.98
N ALA B 56 10.45 19.96 12.00
CA ALA B 56 10.42 21.39 12.24
C ALA B 56 10.87 21.72 13.66
N ARG B 57 10.37 20.98 14.65
CA ARG B 57 10.79 21.23 16.03
C ARG B 57 12.31 21.05 16.17
N ALA B 58 12.84 19.96 15.59
CA ALA B 58 14.28 19.73 15.60
C ALA B 58 15.04 20.89 14.98
N LEU B 59 14.58 21.35 13.80
CA LEU B 59 15.28 22.43 13.12
C LEU B 59 15.36 23.68 13.98
N PHE B 60 14.22 24.13 14.51
CA PHE B 60 14.24 25.36 15.30
C PHE B 60 14.98 25.15 16.62
N ALA B 61 14.97 23.93 17.16
CA ALA B 61 15.84 23.64 18.30
C ALA B 61 17.31 23.82 17.91
N GLU B 62 17.70 23.35 16.73
CA GLU B 62 19.11 23.47 16.32
C GLU B 62 19.47 24.90 15.93
N GLN B 63 18.55 25.61 15.27
CA GLN B 63 18.80 26.95 14.74
C GLN B 63 17.78 27.88 15.36
N PRO B 64 17.99 28.27 16.62
CA PRO B 64 16.99 29.10 17.31
C PRO B 64 16.82 30.50 16.71
N GLN B 65 17.81 30.99 15.98
CA GLN B 65 17.68 32.29 15.32
C GLN B 65 16.45 32.33 14.40
N LEU B 66 16.03 31.17 13.88
CA LEU B 66 14.93 31.17 12.92
C LEU B 66 13.61 31.65 13.55
N ILE B 67 13.43 31.41 14.85
CA ILE B 67 12.19 31.75 15.55
C ILE B 67 12.37 32.88 16.57
N GLN B 68 13.59 33.42 16.73
CA GLN B 68 13.71 34.70 17.42
C GLN B 68 12.85 35.73 16.69
N PRO B 69 12.23 36.69 17.40
CA PRO B 69 11.66 37.85 16.72
C PRO B 69 12.62 38.37 15.66
N GLY B 70 12.10 38.64 14.46
CA GLY B 70 12.95 38.94 13.33
C GLY B 70 13.40 37.73 12.52
N GLY B 71 13.34 36.52 13.10
CA GLY B 71 13.74 35.31 12.43
C GLY B 71 12.90 35.04 11.19
N ALA B 73 11.44 32.55 10.36
CA ALA B 73 10.32 31.70 10.69
C ALA B 73 9.48 32.22 11.84
N TYR B 74 9.83 33.42 12.32
CA TYR B 74 9.06 34.14 13.34
C TYR B 74 7.78 34.73 12.75
N THR B 75 6.78 34.92 13.63
CA THR B 75 5.36 35.17 13.34
C THR B 75 4.65 33.92 12.87
N ASN B 76 3.34 33.82 13.14
CA ASN B 76 2.64 32.59 12.80
C ASN B 76 2.47 32.40 11.30
N ARG B 77 2.32 33.50 10.53
CA ARG B 77 2.19 33.38 9.10
C ARG B 77 3.45 32.78 8.47
N ARG B 78 4.63 33.26 8.88
CA ARG B 78 5.86 32.68 8.33
C ARG B 78 6.10 31.26 8.86
N MET B 79 5.78 30.98 10.13
CA MET B 79 5.92 29.61 10.62
C MET B 79 5.03 28.66 9.82
N ALA B 80 3.75 29.04 9.62
CA ALA B 80 2.87 28.16 8.86
C ALA B 80 3.36 28.03 7.41
N ALA B 81 3.90 29.12 6.85
CA ALA B 81 4.47 29.03 5.51
C ALA B 81 5.65 28.05 5.49
N CYS B 82 6.49 28.08 6.52
CA CYS B 82 7.59 27.14 6.59
C CYS B 82 7.07 25.71 6.59
N LEU B 83 6.18 25.42 7.55
CA LEU B 83 5.57 24.09 7.66
C LEU B 83 4.92 23.66 6.36
N ARG B 84 4.22 24.58 5.70
CA ARG B 84 3.63 24.25 4.40
C ARG B 84 4.69 23.75 3.41
N ASP B 85 5.77 24.53 3.22
CA ASP B 85 6.87 24.08 2.38
C ASP B 85 7.35 22.69 2.76
N MET B 86 7.41 22.40 4.07
CA MET B 86 7.87 21.09 4.52
C MET B 86 6.91 19.99 4.05
N GLU B 87 5.60 20.23 4.16
CA GLU B 87 4.63 19.26 3.65
C GLU B 87 4.69 19.14 2.13
N ILE B 88 4.80 20.27 1.43
CA ILE B 88 4.80 20.23 -0.03
C ILE B 88 5.98 19.41 -0.52
N ILE B 89 7.16 19.67 0.02
CA ILE B 89 8.35 18.95 -0.42
C ILE B 89 8.18 17.46 -0.12
N LEU B 90 7.74 17.14 1.10
CA LEU B 90 7.46 15.74 1.40
C LEU B 90 6.44 15.17 0.42
N ARG B 91 5.38 15.92 0.12
CA ARG B 91 4.40 15.46 -0.86
C ARG B 91 5.08 15.11 -2.18
N TYR B 92 5.80 16.06 -2.77
CA TYR B 92 6.36 15.76 -4.09
C TYR B 92 7.39 14.64 -4.04
N VAL B 93 8.15 14.51 -2.96
CA VAL B 93 9.05 13.36 -2.82
C VAL B 93 8.27 12.03 -2.87
N THR B 94 7.18 11.93 -2.08
CA THR B 94 6.42 10.67 -2.14
C THR B 94 5.81 10.41 -3.53
N TYR B 95 5.42 11.48 -4.26
CA TYR B 95 4.97 11.30 -5.65
C TYR B 95 6.04 10.61 -6.48
N ALA B 96 7.28 11.11 -6.37
CA ALA B 96 8.43 10.55 -7.06
C ALA B 96 8.71 9.11 -6.64
N ILE B 97 8.55 8.82 -5.33
CA ILE B 97 8.70 7.44 -4.89
C ILE B 97 7.69 6.54 -5.58
N LEU B 98 6.43 7.01 -5.69
CA LEU B 98 5.43 6.18 -6.36
C LEU B 98 5.76 6.03 -7.83
N ALA B 99 6.23 7.10 -8.48
CA ALA B 99 6.49 7.06 -9.92
C ALA B 99 7.72 6.21 -10.26
N GLY B 100 8.72 6.20 -9.38
CA GLY B 100 10.02 5.70 -9.77
C GLY B 100 10.85 6.62 -10.64
N ASP B 101 10.62 7.94 -10.59
CA ASP B 101 11.28 8.91 -11.45
C ASP B 101 11.17 10.29 -10.82
N SER B 102 12.26 11.04 -10.88
CA SER B 102 12.34 12.37 -10.26
C SER B 102 11.44 13.41 -10.93
N SER B 103 10.86 13.13 -12.11
CA SER B 103 10.36 14.21 -12.96
C SER B 103 9.23 14.99 -12.31
N VAL B 104 8.34 14.33 -11.57
CA VAL B 104 7.23 15.08 -10.99
C VAL B 104 7.73 16.02 -9.89
N LEU B 105 8.62 15.53 -9.04
CA LEU B 105 9.25 16.37 -8.04
C LEU B 105 10.02 17.51 -8.70
N ASP B 106 10.75 17.19 -9.77
CA ASP B 106 11.61 18.19 -10.41
C ASP B 106 10.77 19.29 -11.06
N ASP B 107 9.71 18.91 -11.78
CA ASP B 107 8.96 19.87 -12.58
C ASP B 107 8.08 20.77 -11.73
N ARG B 108 7.33 20.18 -10.79
CA ARG B 108 6.27 20.84 -10.05
C ARG B 108 6.73 21.32 -8.68
N CYS B 109 7.97 21.05 -8.28
CA CYS B 109 8.40 21.45 -6.94
C CYS B 109 9.80 22.07 -6.86
N LEU B 110 10.81 21.42 -7.45
CA LEU B 110 12.18 21.90 -7.28
C LEU B 110 12.51 23.05 -8.23
N ASN B 111 12.11 22.95 -9.50
CA ASN B 111 12.47 23.96 -10.48
C ASN B 111 12.05 25.33 -9.97
N GLY B 112 12.99 26.27 -9.97
CA GLY B 112 12.69 27.59 -9.48
C GLY B 112 12.59 27.72 -7.97
N LEU B 113 12.66 26.64 -7.22
CA LEU B 113 12.56 26.77 -5.77
C LEU B 113 13.71 27.60 -5.21
N ARG B 114 14.97 27.26 -5.58
CA ARG B 114 16.10 27.98 -5.00
C ARG B 114 16.01 29.47 -5.30
N GLU B 115 15.61 29.82 -6.52
CA GLU B 115 15.43 31.24 -6.84
C GLU B 115 14.32 31.84 -5.98
N THR B 116 13.30 31.05 -5.68
CA THR B 116 12.19 31.53 -4.86
C THR B 116 12.69 31.92 -3.48
N TYR B 117 13.41 31.02 -2.83
CA TYR B 117 13.93 31.30 -1.51
C TYR B 117 14.93 32.46 -1.54
N GLN B 118 15.81 32.48 -2.57
CA GLN B 118 16.75 33.57 -2.73
C GLN B 118 16.02 34.90 -2.87
N ALA B 119 14.73 34.87 -3.20
CA ALA B 119 13.96 36.08 -3.38
C ALA B 119 13.39 36.61 -2.08
N LEU B 120 12.88 35.73 -1.19
CA LEU B 120 12.26 36.15 0.06
C LEU B 120 13.24 36.26 1.21
N GLY B 121 14.53 36.03 0.97
CA GLY B 121 15.47 35.97 2.07
C GLY B 121 15.37 34.73 2.94
N THR B 122 14.62 33.72 2.52
CA THR B 122 14.55 32.49 3.28
C THR B 122 15.88 31.73 3.18
N PRO B 123 16.46 31.32 4.28
CA PRO B 123 17.75 30.62 4.21
C PRO B 123 17.69 29.19 3.68
N GLY B 124 17.99 29.02 2.40
CA GLY B 124 17.91 27.69 1.80
C GLY B 124 18.77 26.65 2.48
N SER B 125 19.85 27.06 3.14
CA SER B 125 20.60 26.13 3.97
C SER B 125 19.68 25.48 4.99
N SER B 126 18.89 26.31 5.69
CA SER B 126 18.02 25.79 6.74
C SER B 126 16.87 24.97 6.16
N VAL B 127 16.35 25.38 5.00
CA VAL B 127 15.40 24.49 4.35
C VAL B 127 16.05 23.13 4.11
N ALA B 128 17.30 23.13 3.61
CA ALA B 128 18.02 21.86 3.41
C ALA B 128 18.11 21.02 4.68
N VAL B 129 18.39 21.64 5.83
CA VAL B 129 18.39 20.86 7.06
C VAL B 129 17.02 20.24 7.28
N ALA B 130 15.97 21.05 7.13
CA ALA B 130 14.62 20.53 7.34
C ALA B 130 14.37 19.37 6.41
N ILE B 131 14.86 19.46 5.18
CA ILE B 131 14.66 18.35 4.27
C ILE B 131 15.45 17.11 4.72
N GLN B 132 16.72 17.30 5.21
CA GLN B 132 17.47 16.12 5.65
C GLN B 132 16.84 15.46 6.88
N LYS B 133 16.24 16.25 7.78
CA LYS B 133 15.58 15.66 8.94
C LYS B 133 14.36 14.85 8.52
N MET B 134 13.57 15.39 7.58
CA MET B 134 12.45 14.61 7.10
C MET B 134 12.96 13.36 6.42
N LYS B 135 14.10 13.47 5.71
CA LYS B 135 14.64 12.28 5.04
C LYS B 135 14.94 11.19 6.05
N ASP B 136 15.67 11.51 7.13
CA ASP B 136 16.02 10.48 8.12
C ASP B 136 14.79 9.85 8.75
N ALA B 137 13.78 10.68 9.07
CA ALA B 137 12.54 10.18 9.67
C ALA B 137 11.81 9.25 8.70
N ALA B 138 11.65 9.70 7.44
CA ALA B 138 10.93 8.94 6.42
C ALA B 138 11.62 7.61 6.13
N ILE B 139 12.96 7.62 6.00
CA ILE B 139 13.66 6.36 5.74
C ILE B 139 13.52 5.42 6.92
N ALA B 140 13.57 5.94 8.14
CA ALA B 140 13.39 5.04 9.28
C ALA B 140 12.01 4.41 9.25
N ILE B 141 10.98 5.21 8.98
CA ILE B 141 9.61 4.73 8.98
C ILE B 141 9.39 3.77 7.81
N ALA B 142 9.88 4.13 6.63
CA ALA B 142 9.63 3.25 5.49
C ALA B 142 10.41 1.96 5.63
N ASN B 143 11.64 2.04 6.17
CA ASN B 143 12.53 0.88 6.30
C ASN B 143 12.41 0.20 7.63
N ASP B 144 11.30 0.37 8.30
CA ASP B 144 11.11 -0.12 9.65
C ASP B 144 10.89 -1.62 9.60
N PRO B 145 11.81 -2.45 10.13
CA PRO B 145 11.65 -3.91 10.02
C PRO B 145 10.49 -4.47 10.85
N ASN B 146 9.88 -3.66 11.72
CA ASN B 146 8.69 -4.14 12.44
C ASN B 146 7.47 -4.13 11.53
N GLY B 147 6.65 -5.17 11.66
CA GLY B 147 5.30 -5.11 11.16
C GLY B 147 5.15 -5.28 9.66
N ILE B 148 6.08 -5.97 9.02
CA ILE B 148 6.06 -6.14 7.57
C ILE B 148 6.82 -7.43 7.24
N THR B 149 6.40 -8.11 6.19
CA THR B 149 7.15 -9.26 5.73
C THR B 149 8.63 -8.88 5.55
N PRO B 150 9.57 -9.65 6.10
CA PRO B 150 10.98 -9.28 5.93
C PRO B 150 11.43 -9.59 4.50
N GLY B 151 12.26 -8.70 3.97
CA GLY B 151 12.86 -8.86 2.66
C GLY B 151 13.83 -7.72 2.45
N ASP B 152 14.31 -7.56 1.22
CA ASP B 152 15.37 -6.60 0.92
C ASP B 152 14.79 -5.35 0.28
N CYS B 153 14.74 -4.25 1.03
CA CYS B 153 14.24 -2.97 0.53
C CYS B 153 15.37 -2.02 0.20
N SER B 154 16.54 -2.55 -0.12
CA SER B 154 17.74 -1.72 -0.07
C SER B 154 17.90 -0.82 -1.29
N ALA B 155 17.68 -1.36 -2.48
CA ALA B 155 17.73 -0.55 -3.69
C ALA B 155 16.71 0.57 -3.60
N LEU B 156 15.48 0.22 -3.17
CA LEU B 156 14.40 1.19 -3.02
C LEU B 156 14.77 2.28 -2.05
N MET B 157 15.38 1.92 -0.92
CA MET B 157 15.69 2.95 0.08
C MET B 157 16.78 3.89 -0.45
N SER B 158 17.73 3.36 -1.21
CA SER B 158 18.72 4.23 -1.81
C SER B 158 18.04 5.22 -2.77
N GLU B 159 17.01 4.76 -3.50
CA GLU B 159 16.24 5.62 -4.39
C GLU B 159 15.53 6.73 -3.61
N ILE B 160 14.86 6.36 -2.52
CA ILE B 160 14.14 7.35 -1.71
C ILE B 160 15.12 8.39 -1.18
N ALA B 161 16.23 7.93 -0.58
CA ALA B 161 17.27 8.86 -0.12
C ALA B 161 17.76 9.74 -1.27
N GLY B 162 17.89 9.15 -2.47
CA GLY B 162 18.21 9.96 -3.64
C GLY B 162 17.27 11.16 -3.80
N TYR B 163 15.95 10.91 -3.73
CA TYR B 163 15.00 12.00 -4.01
C TYR B 163 15.14 13.10 -2.96
N PHE B 164 15.26 12.70 -1.69
CA PHE B 164 15.43 13.68 -0.61
C PHE B 164 16.71 14.50 -0.77
N ASP B 165 17.85 13.83 -0.96
CA ASP B 165 19.07 14.59 -1.18
C ASP B 165 18.92 15.51 -2.39
N ARG B 166 18.19 15.08 -3.42
CA ARG B 166 18.01 15.91 -4.60
C ARG B 166 17.26 17.20 -4.25
N ALA B 167 16.23 17.09 -3.41
CA ALA B 167 15.51 18.26 -2.91
C ALA B 167 16.43 19.19 -2.16
N ALA B 168 17.12 18.65 -1.15
CA ALA B 168 18.08 19.43 -0.35
C ALA B 168 19.08 20.18 -1.24
N ALA B 169 19.70 19.49 -2.19
CA ALA B 169 20.60 20.18 -3.12
C ALA B 169 19.86 21.31 -3.86
N ALA B 170 18.60 21.09 -4.18
CA ALA B 170 17.90 22.03 -5.06
C ALA B 170 17.58 23.34 -4.35
N VAL B 171 17.37 23.32 -3.03
CA VAL B 171 16.88 24.50 -2.35
C VAL B 171 17.99 25.38 -1.78
N ALA B 172 19.24 24.97 -1.89
CA ALA B 172 20.30 25.74 -1.25
C ALA B 172 21.31 26.16 -2.33
N MET C 1 11.58 -11.12 27.91
CA MET C 1 11.20 -12.55 27.92
C MET C 1 12.46 -13.42 27.76
N LYS C 2 12.66 -14.38 28.66
CA LYS C 2 13.81 -15.27 28.59
C LYS C 2 13.82 -16.17 27.34
N THR C 3 14.81 -15.96 26.49
CA THR C 3 15.13 -16.94 25.45
C THR C 3 16.64 -17.08 25.40
N PRO C 4 17.21 -18.00 24.60
CA PRO C 4 18.65 -18.10 24.55
C PRO C 4 19.26 -16.86 23.96
N ILE C 5 18.53 -16.14 23.11
CA ILE C 5 19.09 -14.94 22.49
C ILE C 5 19.06 -13.76 23.47
N THR C 6 17.91 -13.59 24.14
CA THR C 6 17.84 -12.48 25.07
C THR C 6 18.75 -12.72 26.28
N GLU C 7 18.96 -13.98 26.69
CA GLU C 7 19.97 -14.24 27.72
C GLU C 7 21.36 -13.81 27.24
N ALA C 8 21.71 -14.17 26.00
CA ALA C 8 23.01 -13.82 25.46
C ALA C 8 23.22 -12.31 25.44
N ILE C 9 22.23 -11.57 24.92
CA ILE C 9 22.30 -10.12 24.90
C ILE C 9 22.34 -9.59 26.31
N ALA C 10 21.54 -10.17 27.20
CA ALA C 10 21.44 -9.66 28.56
C ALA C 10 22.75 -9.91 29.29
N ALA C 11 23.45 -11.00 28.97
CA ALA C 11 24.78 -11.22 29.54
C ALA C 11 25.71 -10.05 29.20
N ALA C 12 25.86 -9.75 27.90
CA ALA C 12 26.84 -8.77 27.45
C ALA C 12 26.45 -7.34 27.86
N ASP C 13 25.16 -7.04 27.89
CA ASP C 13 24.74 -5.70 28.25
C ASP C 13 24.97 -5.43 29.72
N THR C 14 24.80 -6.45 30.56
CA THR C 14 25.06 -6.29 31.99
C THR C 14 26.50 -5.90 32.24
N GLN C 15 27.41 -6.42 31.44
CA GLN C 15 28.83 -6.14 31.53
C GLN C 15 29.23 -4.99 30.62
N GLY C 16 28.26 -4.32 30.01
CA GLY C 16 28.56 -3.26 29.05
C GLY C 16 29.51 -3.63 27.94
N ARG C 17 29.34 -4.81 27.34
CA ARG C 17 30.23 -5.18 26.26
C ARG C 17 29.48 -5.56 25.00
N PHE C 18 30.20 -5.39 23.89
CA PHE C 18 29.79 -6.02 22.65
C PHE C 18 29.61 -7.51 22.87
N LEU C 19 28.79 -8.08 22.00
CA LEU C 19 28.67 -9.51 21.88
C LEU C 19 30.02 -10.11 21.50
N SER C 20 30.31 -11.27 22.07
CA SER C 20 31.51 -12.00 21.73
C SER C 20 31.15 -13.37 21.20
N ASN C 21 32.16 -14.08 20.75
CA ASN C 21 31.98 -15.45 20.31
C ASN C 21 31.30 -16.30 21.37
N THR C 22 31.54 -15.98 22.62
CA THR C 22 30.90 -16.69 23.71
C THR C 22 29.41 -16.69 23.53
N GLU C 23 28.83 -15.51 23.17
CA GLU C 23 27.38 -15.41 22.98
C GLU C 23 26.93 -15.88 21.60
N LEU C 24 27.73 -15.69 20.54
CA LEU C 24 27.28 -16.16 19.22
C LEU C 24 27.07 -17.68 19.24
N GLN C 25 27.95 -18.40 19.94
CA GLN C 25 27.82 -19.86 19.92
C GLN C 25 26.50 -20.29 20.51
N ALA C 26 26.04 -19.59 21.55
CA ALA C 26 24.79 -19.98 22.21
C ALA C 26 23.60 -19.72 21.31
N VAL C 27 23.66 -18.65 20.51
CA VAL C 27 22.53 -18.39 19.63
C VAL C 27 22.48 -19.43 18.54
N ASP C 28 23.66 -19.86 18.09
CA ASP C 28 23.73 -20.90 17.07
C ASP C 28 23.11 -22.20 17.57
N GLY C 29 23.37 -22.56 18.81
CA GLY C 29 22.74 -23.72 19.39
C GLY C 29 21.24 -23.62 19.35
N ARG C 30 20.71 -22.39 19.57
CA ARG C 30 19.27 -22.16 19.53
C ARG C 30 18.73 -22.31 18.10
N PHE C 31 19.47 -21.80 17.10
CA PHE C 31 19.04 -22.01 15.72
C PHE C 31 19.06 -23.47 15.36
N LYS C 32 20.09 -24.19 15.82
CA LYS C 32 20.21 -25.59 15.48
C LYS C 32 19.07 -26.38 16.10
N ARG C 33 18.74 -26.09 17.36
CA ARG C 33 17.70 -26.85 18.04
C ARG C 33 16.32 -26.51 17.53
N ALA C 34 16.18 -25.46 16.73
CA ALA C 34 14.84 -25.03 16.33
C ALA C 34 14.16 -26.05 15.43
N VAL C 35 14.91 -26.85 14.69
CA VAL C 35 14.28 -27.84 13.83
C VAL C 35 13.34 -28.72 14.67
N ALA C 36 13.84 -29.19 15.81
CA ALA C 36 13.06 -30.10 16.60
C ALA C 36 12.00 -29.38 17.41
N SER C 37 12.28 -28.18 17.90
CA SER C 37 11.26 -27.58 18.75
C SER C 37 10.10 -27.01 17.94
N MET C 38 10.34 -26.51 16.73
CA MET C 38 9.22 -26.05 15.93
C MET C 38 8.41 -27.21 15.36
N GLU C 39 9.06 -28.35 15.10
CA GLU C 39 8.27 -29.53 14.77
C GLU C 39 7.31 -29.86 15.91
N ALA C 40 7.80 -29.75 17.15
CA ALA C 40 6.98 -30.05 18.31
C ALA C 40 5.84 -29.05 18.45
N ALA C 41 6.11 -27.75 18.23
CA ALA C 41 5.06 -26.76 18.43
C ALA C 41 3.97 -26.90 17.35
N ARG C 42 4.38 -27.16 16.11
CA ARG C 42 3.40 -27.40 15.03
C ARG C 42 2.52 -28.60 15.33
N ALA C 43 3.14 -29.73 15.68
CA ALA C 43 2.37 -30.95 15.91
C ALA C 43 1.38 -30.75 17.07
N LEU C 44 1.80 -30.08 18.13
CA LEU C 44 0.88 -29.85 19.25
C LEU C 44 -0.22 -28.90 18.84
N THR C 45 0.13 -27.87 18.07
CA THR C 45 -0.86 -26.93 17.57
C THR C 45 -1.87 -27.66 16.69
N ASN C 46 -1.39 -28.42 15.70
CA ASN C 46 -2.31 -29.14 14.82
C ASN C 46 -3.24 -30.07 15.58
N ASN C 47 -2.76 -30.68 16.66
CA ASN C 47 -3.54 -31.71 17.36
C ASN C 47 -4.15 -31.18 18.65
N ALA C 48 -4.41 -29.88 18.70
CA ALA C 48 -4.56 -29.20 19.98
C ALA C 48 -5.91 -29.50 20.60
N GLN C 49 -6.97 -29.51 19.80
CA GLN C 49 -8.32 -29.70 20.34
C GLN C 49 -8.46 -31.08 20.97
N SER C 50 -8.01 -32.10 20.26
CA SER C 50 -8.08 -33.47 20.78
C SER C 50 -7.18 -33.64 22.01
N LEU C 51 -5.97 -33.07 21.99
CA LEU C 51 -5.13 -33.09 23.19
C LEU C 51 -5.85 -32.43 24.36
N ILE C 52 -6.52 -31.30 24.12
CA ILE C 52 -7.15 -30.55 25.21
C ILE C 52 -8.33 -31.33 25.78
N ASP C 53 -9.23 -31.80 24.89
CA ASP C 53 -10.41 -32.54 25.33
C ASP C 53 -9.98 -33.83 26.03
N GLY C 54 -8.95 -34.49 25.51
CA GLY C 54 -8.44 -35.71 26.12
C GLY C 54 -7.82 -35.47 27.48
N ALA C 55 -7.08 -34.37 27.62
CA ALA C 55 -6.53 -33.99 28.90
C ALA C 55 -7.63 -33.73 29.93
N ALA C 56 -8.60 -32.88 29.57
CA ALA C 56 -9.73 -32.63 30.48
C ALA C 56 -10.35 -33.94 30.99
N GLN C 57 -10.60 -34.87 30.07
CA GLN C 57 -11.21 -36.15 30.42
C GLN C 57 -10.31 -36.96 31.34
N ALA C 58 -9.01 -36.95 31.09
CA ALA C 58 -8.07 -37.59 32.01
C ALA C 58 -8.20 -37.00 33.40
N VAL C 59 -8.32 -35.66 33.48
CA VAL C 59 -8.47 -35.02 34.78
C VAL C 59 -9.74 -35.50 35.48
N TYR C 60 -10.88 -35.50 34.75
CA TYR C 60 -12.14 -35.89 35.36
C TYR C 60 -12.12 -37.35 35.79
N GLN C 61 -11.57 -38.23 34.94
CA GLN C 61 -11.44 -39.64 35.35
C GLN C 61 -10.51 -39.81 36.55
N LYS C 62 -9.43 -39.03 36.62
CA LYS C 62 -8.56 -39.23 37.79
C LYS C 62 -9.16 -38.61 39.05
N PHE C 63 -9.80 -37.43 38.92
CA PHE C 63 -10.40 -36.73 40.06
C PHE C 63 -11.90 -36.52 39.83
N PRO C 64 -12.70 -37.59 39.91
CA PRO C 64 -14.11 -37.44 39.48
C PRO C 64 -14.87 -36.43 40.31
N TYR C 65 -14.47 -36.26 41.58
CA TYR C 65 -15.15 -35.27 42.42
C TYR C 65 -15.14 -33.89 41.78
N THR C 66 -14.21 -33.63 40.85
CA THR C 66 -14.21 -32.35 40.14
C THR C 66 -15.51 -32.14 39.36
N THR C 67 -16.23 -33.20 39.03
CA THR C 67 -17.43 -33.06 38.23
C THR C 67 -18.68 -33.12 39.08
N THR C 68 -18.55 -33.27 40.41
CA THR C 68 -19.72 -33.41 41.27
C THR C 68 -19.71 -32.47 42.47
N MET C 69 -18.55 -32.21 43.06
CA MET C 69 -18.47 -31.23 44.14
C MET C 69 -19.06 -29.90 43.68
N GLN C 70 -19.93 -29.32 44.49
CA GLN C 70 -20.58 -28.08 44.12
C GLN C 70 -19.72 -26.90 44.57
N GLY C 71 -19.55 -25.94 43.66
CA GLY C 71 -18.66 -24.81 43.84
C GLY C 71 -18.12 -24.31 42.51
N SER C 72 -18.00 -22.98 42.39
CA SER C 72 -17.49 -22.34 41.17
C SER C 72 -16.10 -22.85 40.74
N GLN C 73 -15.25 -23.30 41.68
CA GLN C 73 -13.92 -23.76 41.36
C GLN C 73 -13.91 -25.16 40.76
N TYR C 74 -15.05 -25.82 40.69
CA TYR C 74 -15.07 -27.19 40.19
C TYR C 74 -15.73 -27.23 38.83
N ALA C 75 -15.46 -28.30 38.10
CA ALA C 75 -16.07 -28.58 36.79
C ALA C 75 -17.37 -29.36 36.91
N SER C 76 -18.22 -29.01 37.86
CA SER C 76 -19.45 -29.74 38.09
C SER C 76 -20.61 -29.12 37.33
N THR C 77 -20.33 -28.09 36.53
CA THR C 77 -21.34 -27.35 35.80
C THR C 77 -20.83 -27.09 34.38
N PRO C 78 -21.74 -26.76 33.45
CA PRO C 78 -21.28 -26.43 32.09
C PRO C 78 -20.19 -25.39 32.09
N GLU C 79 -20.24 -24.45 33.04
CA GLU C 79 -19.31 -23.31 33.01
C GLU C 79 -17.97 -23.69 33.59
N GLY C 80 -17.97 -24.48 34.68
CA GLY C 80 -16.73 -24.99 35.21
C GLY C 80 -16.00 -25.90 34.24
N LYS C 81 -16.75 -26.62 33.40
CA LYS C 81 -16.10 -27.45 32.39
C LYS C 81 -15.49 -26.58 31.29
N ALA C 82 -16.12 -25.44 30.97
CA ALA C 82 -15.50 -24.53 30.00
C ALA C 82 -14.25 -23.86 30.57
N LYS C 83 -14.35 -23.34 31.81
CA LYS C 83 -13.20 -22.78 32.51
C LYS C 83 -12.02 -23.75 32.46
N CYS C 84 -12.27 -25.01 32.80
CA CYS C 84 -11.19 -25.99 32.88
C CYS C 84 -10.59 -26.23 31.51
N ALA C 85 -11.43 -26.52 30.53
CA ALA C 85 -10.93 -26.73 29.17
C ALA C 85 -10.15 -25.51 28.72
N ARG C 86 -10.66 -24.31 29.02
CA ARG C 86 -9.91 -23.11 28.72
C ARG C 86 -8.51 -23.14 29.33
N ASP C 87 -8.42 -23.49 30.61
CA ASP C 87 -7.13 -23.40 31.27
C ASP C 87 -6.17 -24.39 30.65
N ILE C 88 -6.69 -25.54 30.22
CA ILE C 88 -5.81 -26.59 29.73
C ILE C 88 -5.23 -26.17 28.39
N GLY C 89 -6.01 -25.46 27.58
CA GLY C 89 -5.50 -24.97 26.32
C GLY C 89 -4.50 -23.87 26.53
N TYR C 90 -4.70 -23.06 27.57
CA TYR C 90 -3.68 -22.07 27.95
C TYR C 90 -2.33 -22.77 28.16
N TYR C 91 -2.35 -23.83 28.95
CA TYR C 91 -1.12 -24.56 29.21
C TYR C 91 -0.51 -25.07 27.91
N LEU C 92 -1.30 -25.75 27.09
CA LEU C 92 -0.78 -26.26 25.82
C LEU C 92 -0.24 -25.12 24.97
N ARG C 93 -0.98 -24.02 24.88
CA ARG C 93 -0.55 -22.90 24.07
C ARG C 93 0.79 -22.35 24.57
N MET C 94 0.99 -22.28 25.90
CA MET C 94 2.27 -21.75 26.40
C MET C 94 3.44 -22.73 26.12
N VAL C 95 3.21 -24.03 26.24
CA VAL C 95 4.21 -24.99 25.76
C VAL C 95 4.58 -24.73 24.30
N THR C 96 3.59 -24.62 23.40
CA THR C 96 3.95 -24.29 22.01
C THR C 96 4.74 -22.99 21.95
N TYR C 97 4.44 -22.03 22.83
CA TYR C 97 5.11 -20.74 22.79
C TYR C 97 6.57 -20.85 23.21
N CYS C 98 6.84 -21.64 24.26
CA CYS C 98 8.20 -21.92 24.68
C CYS C 98 8.98 -22.54 23.54
N LEU C 99 8.40 -23.55 22.91
CA LEU C 99 9.05 -24.21 21.78
C LEU C 99 9.40 -23.21 20.68
N VAL C 100 8.49 -22.31 20.35
CA VAL C 100 8.77 -21.33 19.31
C VAL C 100 9.87 -20.38 19.73
N ALA C 101 9.80 -19.90 20.98
CA ALA C 101 10.80 -18.99 21.51
C ALA C 101 12.12 -19.67 21.86
N GLY C 102 12.12 -21.00 21.98
CA GLY C 102 13.32 -21.69 22.42
C GLY C 102 13.62 -21.52 23.88
N GLY C 103 12.64 -21.15 24.70
CA GLY C 103 12.91 -20.90 26.11
C GLY C 103 11.66 -20.73 26.92
N THR C 104 11.86 -20.77 28.25
CA THR C 104 10.77 -20.77 29.22
C THR C 104 10.07 -19.43 29.34
N GLY C 105 10.65 -18.37 28.77
CA GLY C 105 10.12 -17.03 28.85
C GLY C 105 8.59 -16.88 28.76
N PRO C 106 7.99 -17.28 27.63
CA PRO C 106 6.53 -17.10 27.51
C PRO C 106 5.75 -17.69 28.69
N MET C 107 6.01 -18.95 29.03
CA MET C 107 5.34 -19.57 30.16
C MET C 107 5.69 -18.87 31.47
N ASP C 108 6.92 -18.40 31.58
CA ASP C 108 7.33 -17.71 32.80
C ASP C 108 6.51 -16.44 32.98
N GLU C 109 6.37 -15.67 31.91
CA GLU C 109 5.74 -14.36 32.03
C GLU C 109 4.23 -14.50 32.10
N TYR C 110 3.65 -15.34 31.29
CA TYR C 110 2.22 -15.32 31.13
C TYR C 110 1.50 -16.30 32.03
N LEU C 111 2.20 -17.21 32.67
CA LEU C 111 1.51 -18.21 33.45
C LEU C 111 2.12 -18.48 34.81
N ILE C 112 3.45 -18.66 34.91
CA ILE C 112 4.01 -19.14 36.18
C ILE C 112 4.07 -18.00 37.19
N ALA C 113 4.43 -16.80 36.74
CA ALA C 113 4.39 -15.63 37.63
C ALA C 113 2.96 -15.40 38.09
N GLY C 114 2.74 -15.50 39.40
CA GLY C 114 1.42 -15.41 39.98
C GLY C 114 0.72 -16.74 40.10
N LEU C 115 1.26 -17.79 39.49
CA LEU C 115 0.57 -19.07 39.41
C LEU C 115 -0.02 -19.46 40.76
N SER C 116 0.82 -19.54 41.78
CA SER C 116 0.35 -20.15 43.02
C SER C 116 -0.59 -19.22 43.79
N GLU C 117 -0.44 -17.90 43.63
CA GLU C 117 -1.43 -16.99 44.20
C GLU C 117 -2.81 -17.26 43.61
N ILE C 118 -2.87 -17.41 42.29
CA ILE C 118 -4.14 -17.65 41.61
C ILE C 118 -4.74 -18.98 42.05
N ASN C 119 -3.92 -20.04 42.07
CA ASN C 119 -4.43 -21.35 42.48
C ASN C 119 -4.94 -21.30 43.90
N SER C 120 -4.30 -20.50 44.76
CA SER C 120 -4.73 -20.41 46.14
C SER C 120 -6.00 -19.57 46.25
N THR C 121 -5.96 -18.37 45.69
CA THR C 121 -7.13 -17.52 45.73
C THR C 121 -8.36 -18.24 45.18
N PHE C 122 -8.24 -18.89 44.03
CA PHE C 122 -9.41 -19.46 43.35
C PHE C 122 -9.60 -20.95 43.66
N ASP C 123 -8.90 -21.47 44.67
CA ASP C 123 -9.06 -22.85 45.13
C ASP C 123 -8.94 -23.89 44.01
N LEU C 124 -7.98 -23.67 43.11
CA LEU C 124 -7.70 -24.62 42.04
C LEU C 124 -6.53 -25.48 42.46
N SER C 125 -6.70 -26.80 42.36
CA SER C 125 -5.64 -27.63 42.91
C SER C 125 -4.59 -27.96 41.85
N PRO C 126 -3.31 -27.85 42.23
CA PRO C 126 -2.24 -28.10 41.24
C PRO C 126 -2.27 -29.48 40.66
N SER C 127 -2.81 -30.46 41.38
CA SER C 127 -2.73 -31.83 40.90
C SER C 127 -3.61 -32.04 39.69
N TRP C 128 -4.69 -31.28 39.57
CA TRP C 128 -5.52 -31.37 38.36
C TRP C 128 -4.68 -31.06 37.13
N TYR C 129 -3.98 -29.93 37.17
CA TYR C 129 -3.21 -29.52 36.00
C TYR C 129 -2.03 -30.45 35.71
N ILE C 130 -1.40 -31.00 36.74
CA ILE C 130 -0.32 -31.97 36.53
C ILE C 130 -0.84 -33.20 35.75
N GLU C 131 -2.04 -33.68 36.07
CA GLU C 131 -2.54 -34.86 35.36
C GLU C 131 -2.82 -34.53 33.90
N ALA C 132 -3.35 -33.32 33.62
CA ALA C 132 -3.58 -32.92 32.25
C ALA C 132 -2.27 -32.84 31.48
N LEU C 133 -1.23 -32.29 32.12
CA LEU C 133 0.07 -32.23 31.48
C LEU C 133 0.63 -33.64 31.22
N LYS C 134 0.51 -34.52 32.20
CA LYS C 134 0.92 -35.91 31.96
C LYS C 134 0.16 -36.50 30.79
N TYR C 135 -1.13 -36.20 30.70
CA TYR C 135 -1.89 -36.75 29.58
C TYR C 135 -1.32 -36.25 28.26
N ILE C 136 -1.00 -34.96 28.19
CA ILE C 136 -0.50 -34.39 26.93
C ILE C 136 0.83 -35.02 26.56
N LYS C 137 1.73 -35.15 27.53
CA LYS C 137 3.01 -35.81 27.27
C LYS C 137 2.80 -37.21 26.73
N ALA C 138 1.81 -37.92 27.27
CA ALA C 138 1.63 -39.32 26.93
C ALA C 138 0.94 -39.52 25.58
N ASN C 139 0.37 -38.48 24.98
CA ASN C 139 -0.49 -38.68 23.83
C ASN C 139 -0.19 -37.74 22.67
N HIS C 140 0.90 -36.96 22.72
CA HIS C 140 1.20 -36.11 21.58
C HIS C 140 1.85 -36.89 20.44
N GLY C 141 2.23 -38.14 20.68
CA GLY C 141 2.74 -38.97 19.60
C GLY C 141 4.03 -38.49 18.94
N LEU C 142 4.66 -37.44 19.48
CA LEU C 142 5.92 -37.03 18.90
C LEU C 142 7.01 -38.06 19.23
N THR C 143 8.05 -38.05 18.42
CA THR C 143 9.14 -38.99 18.62
C THR C 143 10.47 -38.28 18.56
N GLY C 144 11.53 -38.95 19.02
CA GLY C 144 12.83 -38.34 18.88
C GLY C 144 13.00 -37.06 19.69
N GLN C 145 13.83 -36.16 19.15
CA GLN C 145 14.18 -34.93 19.83
C GLN C 145 13.02 -33.95 19.88
N ALA C 146 12.09 -34.04 18.94
CA ALA C 146 10.87 -33.26 19.06
C ALA C 146 10.10 -33.68 20.32
N ALA C 147 10.11 -34.98 20.62
CA ALA C 147 9.54 -35.42 21.87
C ALA C 147 10.31 -34.80 23.03
N VAL C 148 11.64 -34.80 22.93
CA VAL C 148 12.43 -34.34 24.07
C VAL C 148 12.10 -32.89 24.36
N GLU C 149 11.93 -32.10 23.29
CA GLU C 149 11.60 -30.68 23.41
C GLU C 149 10.24 -30.48 24.05
N ALA C 150 9.22 -31.14 23.51
CA ALA C 150 7.88 -30.98 24.10
C ALA C 150 7.89 -31.36 25.57
N ASN C 151 8.46 -32.52 25.89
CA ASN C 151 8.49 -33.00 27.27
C ASN C 151 9.27 -32.06 28.19
N ALA C 152 10.32 -31.41 27.68
CA ALA C 152 11.05 -30.50 28.55
C ALA C 152 10.14 -29.36 29.04
N TYR C 153 9.31 -28.81 28.16
CA TYR C 153 8.50 -27.67 28.58
C TYR C 153 7.28 -28.12 29.37
N ILE C 154 6.81 -29.34 29.11
CA ILE C 154 5.71 -29.88 29.90
C ILE C 154 6.19 -30.19 31.32
N ASP C 155 7.32 -30.91 31.45
CA ASP C 155 7.86 -31.23 32.79
C ASP C 155 8.28 -29.97 33.52
N TYR C 156 8.63 -28.90 32.78
CA TYR C 156 8.88 -27.60 33.41
C TYR C 156 7.62 -27.05 34.09
N ALA C 157 6.48 -27.09 33.40
CA ALA C 157 5.24 -26.62 34.03
C ALA C 157 4.89 -27.53 35.20
N ILE C 158 5.10 -28.85 35.05
CA ILE C 158 4.76 -29.77 36.12
C ILE C 158 5.58 -29.44 37.36
N ASN C 159 6.86 -29.14 37.17
CA ASN C 159 7.71 -28.71 38.26
C ASN C 159 7.17 -27.44 38.90
N ALA C 160 6.86 -26.46 38.09
CA ALA C 160 6.27 -25.23 38.59
C ALA C 160 5.01 -25.48 39.42
N LEU C 161 4.29 -26.58 39.15
CA LEU C 161 3.05 -26.88 39.84
C LEU C 161 3.27 -27.68 41.10
N SER C 162 4.51 -28.05 41.41
CA SER C 162 4.79 -29.06 42.43
C SER C 162 5.50 -28.48 43.64
N MET D 1 12.61 -7.36 26.98
CA MET D 1 13.37 -7.48 25.71
C MET D 1 12.79 -8.61 24.89
N LEU D 2 12.62 -8.35 23.63
CA LEU D 2 12.13 -9.36 22.72
C LEU D 2 13.19 -9.63 21.67
N ASP D 3 13.24 -10.88 21.24
CA ASP D 3 13.85 -11.25 19.98
C ASP D 3 12.74 -11.57 18.99
N ALA D 4 13.15 -11.89 17.77
CA ALA D 4 12.18 -12.07 16.69
C ALA D 4 11.10 -13.07 17.10
N PHE D 5 11.51 -14.26 17.58
CA PHE D 5 10.59 -15.33 17.99
C PHE D 5 9.73 -14.91 19.17
N ALA D 6 10.34 -14.30 20.19
CA ALA D 6 9.58 -13.86 21.34
C ALA D 6 8.52 -12.84 20.93
N LYS D 7 8.81 -12.05 19.88
CA LYS D 7 7.81 -11.07 19.43
C LYS D 7 6.61 -11.76 18.78
N VAL D 8 6.84 -12.73 17.89
CA VAL D 8 5.71 -13.45 17.30
C VAL D 8 4.87 -14.05 18.42
N VAL D 9 5.53 -14.57 19.46
CA VAL D 9 4.82 -15.23 20.53
C VAL D 9 4.00 -14.21 21.33
N ALA D 10 4.54 -13.02 21.53
CA ALA D 10 3.80 -12.06 22.36
C ALA D 10 2.63 -11.45 21.59
N GLN D 11 2.78 -11.33 20.27
CA GLN D 11 1.66 -10.89 19.44
C GLN D 11 0.54 -11.91 19.46
N ALA D 12 0.89 -13.20 19.35
CA ALA D 12 -0.09 -14.28 19.39
C ALA D 12 -0.77 -14.39 20.77
N ASP D 13 -0.06 -14.11 21.87
CA ASP D 13 -0.69 -14.28 23.18
C ASP D 13 -1.78 -13.24 23.37
N ALA D 14 -1.45 -11.97 23.13
CA ALA D 14 -2.42 -10.89 23.08
C ALA D 14 -3.67 -11.23 22.28
N ARG D 15 -3.60 -12.16 21.31
CA ARG D 15 -4.81 -12.61 20.63
C ARG D 15 -5.39 -13.87 21.28
N GLY D 16 -4.70 -14.42 22.27
CA GLY D 16 -5.04 -15.76 22.71
C GLY D 16 -4.93 -16.85 21.67
N GLU D 17 -4.12 -16.66 20.63
CA GLU D 17 -4.04 -17.63 19.54
C GLU D 17 -2.76 -18.45 19.54
N PHE D 18 -2.92 -19.73 19.22
CA PHE D 18 -1.86 -20.54 18.65
C PHE D 18 -1.36 -19.92 17.35
N LEU D 19 -0.18 -20.37 16.93
CA LEU D 19 0.44 -19.92 15.69
C LEU D 19 -0.17 -20.63 14.49
N THR D 20 -0.18 -19.93 13.34
CA THR D 20 -0.62 -20.56 12.08
C THR D 20 0.46 -21.46 11.48
N ASN D 21 0.00 -22.35 10.58
CA ASN D 21 0.95 -23.13 9.78
C ASN D 21 1.76 -22.21 8.87
N ALA D 22 1.19 -21.09 8.46
CA ALA D 22 1.94 -20.07 7.71
C ALA D 22 3.03 -19.45 8.56
N GLN D 23 2.69 -19.11 9.83
CA GLN D 23 3.64 -18.45 10.73
C GLN D 23 4.85 -19.32 11.01
N PHE D 24 4.61 -20.61 11.24
CA PHE D 24 5.69 -21.57 11.43
C PHE D 24 6.62 -21.62 10.22
N ASP D 25 6.04 -21.59 9.01
CA ASP D 25 6.86 -21.53 7.80
C ASP D 25 7.73 -20.28 7.80
N ALA D 26 7.12 -19.11 8.07
CA ALA D 26 7.88 -17.88 8.18
C ALA D 26 9.03 -18.00 9.15
N LEU D 27 8.85 -18.78 10.22
CA LEU D 27 9.87 -18.83 11.27
C LEU D 27 11.03 -19.73 10.88
N SER D 28 10.74 -20.87 10.24
CA SER D 28 11.75 -21.67 9.56
C SER D 28 12.68 -20.80 8.74
N ASN D 29 12.13 -19.79 8.03
CA ASN D 29 12.96 -18.91 7.19
C ASN D 29 13.93 -18.08 8.04
N LEU D 30 13.45 -17.51 9.13
CA LEU D 30 14.35 -16.87 10.09
C LEU D 30 15.49 -17.82 10.49
N VAL D 31 15.12 -19.01 10.94
CA VAL D 31 16.12 -19.97 11.40
C VAL D 31 17.18 -20.21 10.33
N LYS D 32 16.75 -20.25 9.07
CA LYS D 32 17.67 -20.57 7.98
C LYS D 32 18.67 -19.47 7.69
N GLU D 33 18.34 -18.21 7.97
CA GLU D 33 19.31 -17.14 7.78
CA GLU D 33 19.28 -17.10 7.81
C GLU D 33 20.22 -16.99 9.01
N GLY D 34 20.10 -17.89 9.98
CA GLY D 34 20.94 -17.90 11.18
C GLY D 34 22.41 -17.63 10.95
N ASN D 35 23.03 -18.42 10.07
CA ASN D 35 24.48 -18.32 9.90
C ASN D 35 24.85 -16.93 9.41
N LYS D 36 24.07 -16.38 8.50
CA LYS D 36 24.42 -15.06 7.98
C LYS D 36 24.34 -13.99 9.04
N ARG D 37 23.29 -14.06 9.87
CA ARG D 37 23.10 -13.13 10.97
C ARG D 37 24.31 -13.14 11.90
N LEU D 38 24.78 -14.35 12.27
CA LEU D 38 25.97 -14.45 13.10
C LEU D 38 27.18 -13.88 12.38
N ASP D 39 27.33 -14.17 11.08
CA ASP D 39 28.46 -13.58 10.35
C ASP D 39 28.46 -12.08 10.50
N ALA D 40 27.31 -11.47 10.20
CA ALA D 40 27.18 -10.01 10.27
C ALA D 40 27.56 -9.50 11.66
N VAL D 41 27.04 -10.14 12.72
CA VAL D 41 27.36 -9.64 14.05
C VAL D 41 28.85 -9.83 14.33
N ASN D 42 29.39 -11.02 14.03
CA ASN D 42 30.83 -11.26 14.17
C ASN D 42 31.63 -10.23 13.41
N ARG D 43 31.25 -9.97 12.17
CA ARG D 43 32.04 -9.07 11.32
C ARG D 43 31.98 -7.63 11.82
N ILE D 44 30.79 -7.13 12.16
CA ILE D 44 30.72 -5.76 12.68
C ILE D 44 31.48 -5.65 14.00
N THR D 45 31.27 -6.62 14.88
CA THR D 45 31.85 -6.53 16.20
C THR D 45 33.37 -6.57 16.12
N SER D 46 33.90 -7.51 15.31
CA SER D 46 35.33 -7.70 15.17
C SER D 46 36.01 -6.44 14.63
N ASN D 47 35.26 -5.51 14.03
CA ASN D 47 35.84 -4.29 13.49
C ASN D 47 35.32 -3.02 14.16
N ALA D 48 34.68 -3.15 15.33
CA ALA D 48 33.99 -2.04 15.94
C ALA D 48 34.93 -0.84 16.19
N SER D 49 36.13 -1.09 16.66
CA SER D 49 37.07 0.00 16.96
C SER D 49 37.34 0.85 15.72
N THR D 50 37.60 0.19 14.60
CA THR D 50 37.80 0.85 13.32
C THR D 50 36.57 1.64 12.90
N ILE D 51 35.41 0.98 12.91
CA ILE D 51 34.17 1.63 12.49
C ILE D 51 33.97 2.92 13.29
N VAL D 52 34.09 2.84 14.61
CA VAL D 52 33.85 4.02 15.42
C VAL D 52 34.86 5.11 15.11
N ALA D 53 36.16 4.74 15.09
CA ALA D 53 37.23 5.75 15.08
C ALA D 53 37.33 6.39 13.72
N ASN D 54 37.12 5.60 12.66
CA ASN D 54 37.08 6.19 11.31
C ASN D 54 35.89 7.11 11.17
N ALA D 55 34.74 6.71 11.72
CA ALA D 55 33.57 7.57 11.63
C ALA D 55 33.79 8.87 12.41
N ALA D 56 34.41 8.77 13.59
CA ALA D 56 34.58 9.98 14.38
C ALA D 56 35.61 10.89 13.72
N ARG D 57 36.72 10.33 13.22
CA ARG D 57 37.69 11.12 12.48
C ARG D 57 37.04 11.83 11.29
N ALA D 58 36.29 11.10 10.46
CA ALA D 58 35.58 11.71 9.34
C ALA D 58 34.64 12.84 9.82
N LEU D 59 33.87 12.59 10.87
CA LEU D 59 33.00 13.64 11.39
C LEU D 59 33.78 14.91 11.74
N PHE D 60 34.87 14.76 12.48
CA PHE D 60 35.52 15.98 12.96
C PHE D 60 36.23 16.70 11.82
N ALA D 61 36.55 15.98 10.74
CA ALA D 61 37.09 16.62 9.54
C ALA D 61 36.02 17.41 8.82
N GLU D 62 34.79 16.90 8.78
CA GLU D 62 33.74 17.64 8.12
C GLU D 62 33.26 18.80 8.98
N GLN D 63 33.19 18.59 10.30
CA GLN D 63 32.57 19.54 11.21
C GLN D 63 33.63 19.93 12.23
N PRO D 64 34.59 20.75 11.83
CA PRO D 64 35.66 21.14 12.75
C PRO D 64 35.17 21.99 13.92
N GLN D 65 33.99 22.62 13.79
CA GLN D 65 33.48 23.43 14.89
C GLN D 65 33.32 22.58 16.15
N LEU D 66 33.07 21.27 15.98
CA LEU D 66 32.87 20.38 17.12
C LEU D 66 34.11 20.27 18.00
N ILE D 67 35.30 20.42 17.41
CA ILE D 67 36.55 20.27 18.15
C ILE D 67 37.29 21.58 18.39
N GLN D 68 36.89 22.67 17.75
CA GLN D 68 37.31 24.00 18.22
C GLN D 68 37.13 24.09 19.74
N PRO D 69 38.04 24.74 20.47
CA PRO D 69 37.75 25.07 21.88
C PRO D 69 36.42 25.80 21.98
N GLY D 70 35.65 25.45 23.01
CA GLY D 70 34.24 25.79 23.06
C GLY D 70 33.31 24.79 22.39
N GLY D 71 33.82 23.98 21.45
CA GLY D 71 33.02 23.00 20.73
C GLY D 71 32.48 21.88 21.60
N ALA D 73 32.73 18.72 21.37
CA ALA D 73 33.64 17.57 21.56
C ALA D 73 35.08 17.98 21.92
N TYR D 74 35.24 19.26 22.27
CA TYR D 74 36.49 19.76 22.83
C TYR D 74 36.63 19.33 24.30
N THR D 75 37.88 19.19 24.74
CA THR D 75 38.29 18.56 26.01
C THR D 75 38.27 17.05 25.86
N ASN D 76 39.25 16.37 26.45
CA ASN D 76 39.32 14.92 26.29
C ASN D 76 38.13 14.27 26.98
N ARG D 77 37.57 14.93 28.00
CA ARG D 77 36.42 14.36 28.69
C ARG D 77 35.23 14.30 27.75
N ARG D 78 35.01 15.38 26.98
CA ARG D 78 33.88 15.40 26.08
C ARG D 78 34.12 14.52 24.86
N MET D 79 35.35 14.55 24.32
CA MET D 79 35.64 13.68 23.20
C MET D 79 35.39 12.24 23.60
N ALA D 80 35.87 11.85 24.80
CA ALA D 80 35.66 10.48 25.25
C ALA D 80 34.17 10.20 25.35
N ALA D 81 33.41 11.16 25.91
CA ALA D 81 31.95 11.07 25.90
C ALA D 81 31.44 10.75 24.50
N CYS D 82 31.91 11.51 23.51
CA CYS D 82 31.39 11.38 22.16
C CYS D 82 31.66 9.99 21.61
N LEU D 83 32.91 9.53 21.73
CA LEU D 83 33.26 8.19 21.24
C LEU D 83 32.50 7.11 22.02
N ARG D 84 32.36 7.29 23.33
CA ARG D 84 31.56 6.34 24.11
C ARG D 84 30.14 6.20 23.55
N ASP D 85 29.52 7.34 23.19
CA ASP D 85 28.16 7.27 22.66
C ASP D 85 28.14 6.47 21.36
N MET D 86 29.06 6.81 20.45
CA MET D 86 29.16 6.10 19.18
C MET D 86 29.28 4.61 19.45
N GLU D 87 30.13 4.25 20.42
CA GLU D 87 30.38 2.85 20.77
C GLU D 87 29.12 2.19 21.26
N ILE D 88 28.44 2.89 22.16
CA ILE D 88 27.17 2.43 22.71
C ILE D 88 26.14 2.20 21.61
N ILE D 89 25.99 3.15 20.69
CA ILE D 89 24.90 3.00 19.73
C ILE D 89 25.16 1.79 18.89
N LEU D 90 26.42 1.63 18.44
CA LEU D 90 26.80 0.47 17.65
C LEU D 90 26.58 -0.82 18.43
N ARG D 91 26.96 -0.84 19.70
CA ARG D 91 26.74 -2.03 20.50
C ARG D 91 25.27 -2.43 20.46
N TYR D 92 24.38 -1.46 20.70
CA TYR D 92 22.94 -1.73 20.75
C TYR D 92 22.38 -2.08 19.38
N VAL D 93 22.89 -1.46 18.32
CA VAL D 93 22.57 -1.94 16.97
C VAL D 93 22.97 -3.40 16.83
N THR D 94 24.18 -3.75 17.26
CA THR D 94 24.57 -5.14 17.02
C THR D 94 23.69 -6.08 17.82
N TYR D 95 23.20 -5.64 18.98
CA TYR D 95 22.29 -6.49 19.75
C TYR D 95 21.00 -6.73 18.97
N ALA D 96 20.45 -5.66 18.36
CA ALA D 96 19.22 -5.82 17.57
C ALA D 96 19.44 -6.82 16.43
N ILE D 97 20.63 -6.79 15.82
CA ILE D 97 20.91 -7.74 14.76
C ILE D 97 20.90 -9.15 15.31
N LEU D 98 21.54 -9.37 16.46
CA LEU D 98 21.47 -10.72 17.00
C LEU D 98 20.03 -11.11 17.25
N ALA D 99 19.25 -10.20 17.82
CA ALA D 99 17.88 -10.52 18.21
C ALA D 99 16.99 -10.72 17.01
N GLY D 100 17.30 -10.06 15.91
CA GLY D 100 16.31 -9.98 14.85
C GLY D 100 15.13 -9.10 15.20
N ASP D 101 15.34 -8.06 16.01
CA ASP D 101 14.25 -7.22 16.47
C ASP D 101 14.84 -5.95 17.09
N SER D 102 14.19 -4.80 16.85
CA SER D 102 14.69 -3.48 17.23
C SER D 102 14.45 -3.15 18.70
N SER D 103 13.62 -3.93 19.39
CA SER D 103 13.11 -3.52 20.70
C SER D 103 14.22 -3.30 21.72
N VAL D 104 15.31 -4.07 21.67
CA VAL D 104 16.38 -3.85 22.65
C VAL D 104 17.10 -2.51 22.38
N LEU D 105 17.28 -2.18 21.12
CA LEU D 105 17.85 -0.88 20.76
C LEU D 105 16.90 0.27 21.14
N ASP D 106 15.60 0.06 20.94
CA ASP D 106 14.63 1.13 21.12
C ASP D 106 14.45 1.44 22.60
N ASP D 107 14.46 0.41 23.44
CA ASP D 107 14.14 0.52 24.85
C ASP D 107 15.34 0.95 25.70
N ARG D 108 16.53 0.44 25.41
CA ARG D 108 17.70 0.71 26.24
C ARG D 108 18.59 1.80 25.69
N CYS D 109 18.43 2.15 24.42
CA CYS D 109 19.33 3.12 23.81
C CYS D 109 18.62 4.33 23.24
N LEU D 110 17.57 4.15 22.44
CA LEU D 110 17.00 5.26 21.68
C LEU D 110 15.99 6.08 22.48
N ASN D 111 15.24 5.44 23.36
CA ASN D 111 14.13 6.10 24.03
C ASN D 111 14.65 7.17 25.00
N GLY D 112 14.35 8.44 24.72
CA GLY D 112 14.80 9.57 25.49
C GLY D 112 16.09 10.22 25.04
N LEU D 113 16.72 9.71 23.97
CA LEU D 113 18.09 10.12 23.67
C LEU D 113 18.11 11.49 23.00
N ARG D 114 17.13 11.75 22.12
CA ARG D 114 16.98 13.09 21.57
C ARG D 114 16.87 14.12 22.68
N GLU D 115 15.99 13.88 23.65
CA GLU D 115 15.83 14.84 24.74
C GLU D 115 17.13 15.00 25.50
N THR D 116 17.88 13.90 25.64
CA THR D 116 19.16 14.01 26.33
C THR D 116 20.09 15.00 25.63
N TYR D 117 20.28 14.83 24.33
CA TYR D 117 21.24 15.69 23.65
C TYR D 117 20.74 17.15 23.63
N GLN D 118 19.44 17.35 23.32
CA GLN D 118 18.85 18.67 23.38
C GLN D 118 19.18 19.36 24.71
N ALA D 119 19.04 18.63 25.80
CA ALA D 119 19.37 19.19 27.11
C ALA D 119 20.88 19.42 27.28
N LEU D 120 21.73 18.59 26.65
CA LEU D 120 23.17 18.77 26.86
C LEU D 120 23.74 19.91 26.03
N GLY D 121 23.03 20.34 25.00
CA GLY D 121 23.67 21.11 23.96
C GLY D 121 24.43 20.30 22.92
N THR D 122 24.28 18.97 22.91
CA THR D 122 24.96 18.17 21.88
C THR D 122 24.12 18.22 20.62
N PRO D 123 24.69 18.62 19.47
CA PRO D 123 23.88 18.67 18.24
C PRO D 123 23.54 17.27 17.72
N GLY D 124 22.29 16.88 17.93
CA GLY D 124 21.85 15.59 17.42
C GLY D 124 22.10 15.41 15.94
N SER D 125 21.97 16.48 15.16
CA SER D 125 22.30 16.42 13.74
C SER D 125 23.65 15.73 13.50
N SER D 126 24.70 16.27 14.14
CA SER D 126 26.05 15.72 14.02
C SER D 126 26.11 14.27 14.47
N VAL D 127 25.39 13.94 15.54
CA VAL D 127 25.36 12.55 16.01
C VAL D 127 24.78 11.66 14.90
N ALA D 128 23.66 12.10 14.31
CA ALA D 128 23.10 11.36 13.19
C ALA D 128 24.13 11.18 12.10
N VAL D 129 25.02 12.16 11.91
CA VAL D 129 26.06 11.98 10.91
C VAL D 129 27.00 10.85 11.33
N ALA D 130 27.43 10.86 12.59
CA ALA D 130 28.33 9.79 13.02
C ALA D 130 27.67 8.43 12.83
N ILE D 131 26.36 8.35 13.02
CA ILE D 131 25.66 7.07 12.93
C ILE D 131 25.61 6.60 11.48
N GLN D 132 25.40 7.54 10.55
CA GLN D 132 25.37 7.17 9.13
C GLN D 132 26.73 6.67 8.67
N LYS D 133 27.82 7.30 9.14
CA LYS D 133 29.14 6.80 8.74
C LYS D 133 29.41 5.41 9.31
N MET D 134 29.06 5.19 10.58
CA MET D 134 29.20 3.85 11.13
C MET D 134 28.35 2.86 10.34
N LYS D 135 27.16 3.32 9.91
CA LYS D 135 26.26 2.49 9.14
C LYS D 135 26.90 2.01 7.85
N ASP D 136 27.38 2.96 7.04
CA ASP D 136 27.96 2.57 5.76
C ASP D 136 29.19 1.69 5.98
N ALA D 137 29.97 1.92 7.03
CA ALA D 137 31.13 1.08 7.24
C ALA D 137 30.70 -0.33 7.67
N ALA D 138 29.78 -0.41 8.64
CA ALA D 138 29.36 -1.70 9.17
C ALA D 138 28.82 -2.63 8.08
N ILE D 139 27.89 -2.12 7.27
CA ILE D 139 27.25 -2.92 6.20
C ILE D 139 28.28 -3.35 5.16
N ALA D 140 29.17 -2.43 4.74
CA ALA D 140 30.24 -2.81 3.83
C ALA D 140 31.04 -3.96 4.41
N ILE D 141 31.24 -3.96 5.71
CA ILE D 141 32.11 -4.99 6.29
C ILE D 141 31.35 -6.30 6.40
N ALA D 142 30.07 -6.22 6.79
CA ALA D 142 29.29 -7.43 7.03
C ALA D 142 28.99 -8.14 5.72
N ASN D 143 28.82 -7.35 4.67
CA ASN D 143 28.52 -7.85 3.34
C ASN D 143 29.77 -7.93 2.45
N ASP D 144 30.96 -7.88 3.02
CA ASP D 144 32.18 -8.02 2.20
C ASP D 144 32.23 -9.44 1.64
N PRO D 145 32.31 -9.63 0.32
CA PRO D 145 32.18 -10.99 -0.23
C PRO D 145 33.44 -11.84 -0.14
N ASN D 146 34.58 -11.26 0.23
CA ASN D 146 35.78 -12.06 0.42
C ASN D 146 35.75 -12.83 1.74
N GLY D 147 36.38 -13.99 1.72
CA GLY D 147 36.60 -14.68 2.98
C GLY D 147 35.33 -15.17 3.62
N ILE D 148 34.36 -15.61 2.82
CA ILE D 148 33.12 -16.18 3.33
C ILE D 148 32.53 -17.04 2.23
N THR D 149 31.75 -18.04 2.63
CA THR D 149 31.01 -18.82 1.66
C THR D 149 30.10 -17.89 0.86
N PRO D 150 30.23 -17.83 -0.48
CA PRO D 150 29.42 -16.87 -1.26
C PRO D 150 27.94 -17.15 -1.14
N GLY D 151 27.17 -16.08 -1.07
CA GLY D 151 25.72 -16.17 -1.06
C GLY D 151 25.10 -14.80 -0.96
N ASP D 152 23.78 -14.79 -0.80
CA ASP D 152 22.99 -13.56 -0.84
C ASP D 152 22.51 -13.14 0.54
N CYS D 153 23.05 -12.02 1.01
CA CYS D 153 22.71 -11.47 2.32
C CYS D 153 21.90 -10.19 2.24
N SER D 154 21.21 -9.93 1.12
CA SER D 154 20.64 -8.60 0.87
C SER D 154 19.52 -8.25 1.86
N ALA D 155 18.63 -9.19 2.15
CA ALA D 155 17.58 -8.93 3.12
C ALA D 155 18.16 -8.56 4.47
N LEU D 156 19.12 -9.40 4.92
CA LEU D 156 19.75 -9.21 6.22
C LEU D 156 20.34 -7.82 6.32
N MET D 157 21.03 -7.41 5.25
CA MET D 157 21.59 -6.07 5.16
C MET D 157 20.51 -4.99 5.08
N SER D 158 19.36 -5.30 4.47
CA SER D 158 18.25 -4.34 4.51
C SER D 158 17.80 -4.13 5.96
N GLU D 159 17.64 -5.24 6.69
CA GLU D 159 17.24 -5.20 8.08
C GLU D 159 18.26 -4.41 8.91
N ILE D 160 19.55 -4.65 8.68
CA ILE D 160 20.58 -3.98 9.45
C ILE D 160 20.49 -2.48 9.20
N ALA D 161 20.39 -2.09 7.94
CA ALA D 161 20.12 -0.69 7.62
C ALA D 161 19.01 -0.11 8.49
N GLY D 162 17.92 -0.87 8.65
CA GLY D 162 16.77 -0.38 9.40
C GLY D 162 17.11 0.01 10.80
N TYR D 163 17.91 -0.83 11.49
CA TYR D 163 18.33 -0.51 12.85
C TYR D 163 19.20 0.73 12.90
N PHE D 164 20.10 0.92 11.95
CA PHE D 164 20.87 2.17 11.96
C PHE D 164 19.97 3.37 11.65
N ASP D 165 19.04 3.19 10.72
CA ASP D 165 18.09 4.25 10.35
C ASP D 165 17.29 4.74 11.56
N ARG D 166 16.77 3.80 12.37
CA ARG D 166 16.10 4.17 13.62
C ARG D 166 17.01 5.02 14.48
N ALA D 167 18.24 4.52 14.68
CA ALA D 167 19.22 5.19 15.52
C ALA D 167 19.39 6.64 15.11
N ALA D 168 19.74 6.85 13.84
CA ALA D 168 20.00 8.17 13.31
C ALA D 168 18.75 9.04 13.35
N ALA D 169 17.59 8.46 13.05
CA ALA D 169 16.34 9.19 13.21
C ALA D 169 16.15 9.64 14.65
N ALA D 170 16.58 8.84 15.60
CA ALA D 170 16.18 9.07 16.98
C ALA D 170 16.94 10.17 17.68
N VAL D 171 18.07 10.62 17.12
CA VAL D 171 18.95 11.52 17.86
C VAL D 171 18.78 12.98 17.47
N ALA D 172 18.04 13.30 16.42
CA ALA D 172 17.51 14.66 16.23
C ALA D 172 16.00 14.60 16.33
N MET E 1 -18.26 11.43 -4.65
CA MET E 1 -17.51 10.85 -3.50
C MET E 1 -16.30 10.06 -4.02
N LYS E 2 -15.18 10.17 -3.33
CA LYS E 2 -13.88 9.71 -3.80
C LYS E 2 -13.64 8.22 -3.49
N THR E 3 -13.58 7.41 -4.54
CA THR E 3 -13.23 5.99 -4.48
C THR E 3 -12.31 5.77 -5.67
N PRO E 4 -11.63 4.62 -5.76
CA PRO E 4 -10.79 4.39 -6.96
C PRO E 4 -11.62 4.34 -8.23
N ILE E 5 -12.89 3.94 -8.12
CA ILE E 5 -13.73 3.86 -9.30
C ILE E 5 -14.16 5.26 -9.73
N THR E 6 -14.51 6.12 -8.78
CA THR E 6 -14.91 7.48 -9.17
C THR E 6 -13.70 8.28 -9.65
N GLU E 7 -12.53 8.07 -9.03
CA GLU E 7 -11.35 8.75 -9.55
C GLU E 7 -11.09 8.37 -10.98
N ALA E 8 -11.26 7.08 -11.29
CA ALA E 8 -10.99 6.63 -12.64
C ALA E 8 -11.91 7.31 -13.62
N ILE E 9 -13.22 7.24 -13.34
CA ILE E 9 -14.21 7.87 -14.21
C ILE E 9 -13.93 9.37 -14.30
N ALA E 10 -13.75 10.02 -13.15
CA ALA E 10 -13.50 11.45 -13.14
C ALA E 10 -12.29 11.80 -14.00
N ALA E 11 -11.24 11.00 -13.93
CA ALA E 11 -10.08 11.23 -14.78
C ALA E 11 -10.50 11.28 -16.26
N ALA E 12 -11.18 10.22 -16.73
CA ALA E 12 -11.58 10.17 -18.13
C ALA E 12 -12.62 11.23 -18.46
N ASP E 13 -13.65 11.37 -17.61
CA ASP E 13 -14.66 12.39 -17.86
C ASP E 13 -14.02 13.77 -18.06
N THR E 14 -12.97 14.10 -17.28
CA THR E 14 -12.38 15.44 -17.35
C THR E 14 -11.62 15.67 -18.66
N GLN E 15 -11.20 14.60 -19.34
CA GLN E 15 -10.64 14.70 -20.67
C GLN E 15 -11.67 14.42 -21.74
N GLY E 16 -12.95 14.41 -21.36
CA GLY E 16 -14.02 13.99 -22.23
C GLY E 16 -13.66 12.74 -23.00
N ARG E 17 -13.13 11.73 -22.32
CA ARG E 17 -12.64 10.52 -22.95
C ARG E 17 -13.41 9.30 -22.47
N PHE E 18 -13.63 8.37 -23.37
CA PHE E 18 -14.01 7.04 -22.95
C PHE E 18 -12.97 6.48 -21.99
N LEU E 19 -13.40 5.63 -21.07
CA LEU E 19 -12.44 4.89 -20.28
C LEU E 19 -11.47 4.12 -21.19
N SER E 20 -10.21 4.08 -20.76
CA SER E 20 -9.20 3.25 -21.38
C SER E 20 -8.63 2.23 -20.39
N ASN E 21 -7.70 1.44 -20.92
CA ASN E 21 -7.03 0.40 -20.16
C ASN E 21 -6.31 0.97 -18.95
N THR E 22 -5.81 2.20 -19.07
CA THR E 22 -5.29 2.92 -17.93
C THR E 22 -6.24 2.84 -16.76
N GLU E 23 -7.53 3.10 -16.99
CA GLU E 23 -8.47 3.21 -15.88
C GLU E 23 -8.95 1.85 -15.39
N LEU E 24 -9.21 0.89 -16.30
CA LEU E 24 -9.69 -0.40 -15.84
C LEU E 24 -8.70 -1.08 -14.90
N GLN E 25 -7.40 -0.88 -15.13
CA GLN E 25 -6.38 -1.40 -14.19
C GLN E 25 -6.63 -0.90 -12.77
N ALA E 26 -6.86 0.41 -12.62
CA ALA E 26 -7.18 0.96 -11.31
C ALA E 26 -8.38 0.22 -10.69
N VAL E 27 -9.40 -0.06 -11.48
CA VAL E 27 -10.56 -0.68 -10.85
C VAL E 27 -10.24 -2.10 -10.42
N ASP E 28 -9.48 -2.84 -11.25
CA ASP E 28 -9.14 -4.21 -10.89
C ASP E 28 -8.29 -4.25 -9.61
N GLY E 29 -7.36 -3.30 -9.49
CA GLY E 29 -6.59 -3.20 -8.26
C GLY E 29 -7.48 -3.05 -7.05
N ARG E 30 -8.48 -2.15 -7.15
CA ARG E 30 -9.45 -1.99 -6.06
C ARG E 30 -10.20 -3.28 -5.82
N PHE E 31 -10.65 -3.94 -6.90
CA PHE E 31 -11.40 -5.19 -6.74
C PHE E 31 -10.56 -6.24 -6.02
N LYS E 32 -9.26 -6.29 -6.31
CA LYS E 32 -8.45 -7.29 -5.64
C LYS E 32 -8.15 -6.87 -4.20
N ARG E 33 -7.98 -5.57 -3.96
CA ARG E 33 -7.70 -5.15 -2.60
C ARG E 33 -8.94 -5.30 -1.72
N ALA E 34 -10.13 -5.36 -2.31
CA ALA E 34 -11.35 -5.35 -1.50
C ALA E 34 -11.42 -6.55 -0.58
N VAL E 35 -10.64 -7.58 -0.84
CA VAL E 35 -10.66 -8.78 0.00
C VAL E 35 -10.12 -8.44 1.40
N ALA E 36 -8.94 -7.86 1.48
CA ALA E 36 -8.44 -7.34 2.73
C ALA E 36 -9.34 -6.23 3.28
N SER E 37 -9.75 -5.28 2.42
CA SER E 37 -10.56 -4.15 2.90
C SER E 37 -11.85 -4.63 3.55
N MET E 38 -12.63 -5.40 2.80
CA MET E 38 -13.94 -5.82 3.26
C MET E 38 -13.79 -6.68 4.51
N GLU E 39 -12.68 -7.38 4.64
CA GLU E 39 -12.47 -8.17 5.85
C GLU E 39 -12.21 -7.26 7.05
N ALA E 40 -11.41 -6.21 6.88
CA ALA E 40 -11.16 -5.29 7.98
C ALA E 40 -12.46 -4.61 8.39
N ALA E 41 -13.27 -4.24 7.39
CA ALA E 41 -14.51 -3.53 7.63
C ALA E 41 -15.48 -4.38 8.46
N ARG E 42 -15.63 -5.64 8.10
CA ARG E 42 -16.51 -6.53 8.86
CA ARG E 42 -16.50 -6.54 8.85
C ARG E 42 -15.99 -6.69 10.29
N ALA E 43 -14.68 -6.88 10.46
CA ALA E 43 -14.13 -7.13 11.79
C ALA E 43 -14.43 -5.97 12.73
N LEU E 44 -14.17 -4.74 12.29
CA LEU E 44 -14.43 -3.58 13.14
C LEU E 44 -15.93 -3.37 13.37
N THR E 45 -16.75 -3.69 12.37
CA THR E 45 -18.18 -3.55 12.59
C THR E 45 -18.64 -4.54 13.65
N ASN E 46 -18.14 -5.78 13.60
CA ASN E 46 -18.50 -6.75 14.62
C ASN E 46 -18.05 -6.30 16.01
N ASN E 47 -16.80 -5.87 16.13
CA ASN E 47 -16.23 -5.52 17.41
C ASN E 47 -16.46 -4.07 17.78
N ALA E 48 -17.48 -3.44 17.19
CA ALA E 48 -17.55 -1.98 17.23
C ALA E 48 -17.73 -1.47 18.65
N GLN E 49 -18.77 -1.96 19.34
CA GLN E 49 -19.06 -1.47 20.68
C GLN E 49 -17.82 -1.49 21.56
N SER E 50 -17.05 -2.58 21.53
CA SER E 50 -15.94 -2.71 22.46
C SER E 50 -14.77 -1.81 22.06
N LEU E 51 -14.46 -1.70 20.77
CA LEU E 51 -13.48 -0.72 20.34
C LEU E 51 -13.89 0.70 20.77
N ILE E 52 -15.19 1.01 20.71
CA ILE E 52 -15.64 2.35 21.04
C ILE E 52 -15.45 2.60 22.53
N ASP E 53 -15.95 1.70 23.37
CA ASP E 53 -15.78 1.85 24.81
C ASP E 53 -14.31 1.82 25.19
N GLY E 54 -13.57 0.79 24.75
CA GLY E 54 -12.13 0.80 25.00
C GLY E 54 -11.48 2.10 24.59
N ALA E 55 -11.95 2.68 23.48
CA ALA E 55 -11.31 3.89 22.97
C ALA E 55 -11.59 5.10 23.87
N ALA E 56 -12.83 5.24 24.34
CA ALA E 56 -13.15 6.37 25.20
C ALA E 56 -12.40 6.27 26.51
N GLN E 57 -12.38 5.08 27.11
CA GLN E 57 -11.59 4.90 28.32
C GLN E 57 -10.11 5.20 28.05
N ALA E 58 -9.59 4.79 26.89
CA ALA E 58 -8.20 5.17 26.61
C ALA E 58 -8.04 6.69 26.66
N VAL E 59 -9.02 7.42 26.11
CA VAL E 59 -8.92 8.88 26.06
C VAL E 59 -9.08 9.48 27.45
N TYR E 60 -10.15 9.13 28.17
CA TYR E 60 -10.37 9.64 29.51
C TYR E 60 -9.17 9.41 30.42
N GLN E 61 -8.33 8.43 30.10
CA GLN E 61 -7.18 8.00 30.89
C GLN E 61 -5.92 8.80 30.57
N LYS E 62 -5.63 9.05 29.29
CA LYS E 62 -4.49 9.87 28.93
C LYS E 62 -4.77 11.36 29.15
N PHE E 63 -6.04 11.75 29.26
CA PHE E 63 -6.41 13.15 29.51
C PHE E 63 -7.39 13.18 30.68
N PRO E 64 -6.88 12.94 31.88
CA PRO E 64 -7.77 12.82 33.05
C PRO E 64 -8.64 14.03 33.24
N TYR E 65 -8.15 15.21 32.84
CA TYR E 65 -8.92 16.44 33.02
C TYR E 65 -10.26 16.39 32.30
N THR E 66 -10.34 15.63 31.18
CA THR E 66 -11.56 15.56 30.38
C THR E 66 -12.74 15.05 31.17
N THR E 67 -12.49 14.52 32.38
CA THR E 67 -13.54 13.92 33.20
C THR E 67 -13.75 14.67 34.49
N THR E 68 -12.90 15.65 34.82
CA THR E 68 -12.98 16.47 36.04
C THR E 68 -13.41 17.90 35.76
N MET E 69 -12.84 18.54 34.74
CA MET E 69 -13.23 19.91 34.37
C MET E 69 -14.72 20.04 34.09
N GLN E 70 -15.35 21.02 34.72
CA GLN E 70 -16.72 21.36 34.35
C GLN E 70 -16.72 22.14 33.05
N GLY E 71 -17.77 21.95 32.27
CA GLY E 71 -17.78 22.49 30.92
C GLY E 71 -18.49 21.56 29.97
N SER E 72 -19.47 22.09 29.23
CA SER E 72 -20.25 21.23 28.35
C SER E 72 -19.37 20.55 27.31
N GLN E 73 -18.16 21.06 27.09
CA GLN E 73 -17.23 20.39 26.19
C GLN E 73 -16.53 19.17 26.79
N TYR E 74 -16.74 18.84 28.06
CA TYR E 74 -15.96 17.77 28.70
C TYR E 74 -16.84 16.58 29.04
N ALA E 75 -16.20 15.41 29.11
CA ALA E 75 -16.85 14.17 29.53
C ALA E 75 -16.91 14.04 31.04
N SER E 76 -17.13 15.18 31.71
CA SER E 76 -17.23 15.25 33.16
C SER E 76 -18.68 15.18 33.63
N THR E 77 -19.60 14.85 32.75
CA THR E 77 -20.98 14.59 33.11
C THR E 77 -21.43 13.36 32.33
N PRO E 78 -22.61 12.81 32.61
CA PRO E 78 -23.10 11.70 31.78
C PRO E 78 -23.36 12.14 30.35
N GLU E 79 -23.80 13.38 30.19
CA GLU E 79 -24.05 13.94 28.86
C GLU E 79 -22.77 14.01 28.04
N GLY E 80 -21.67 14.44 28.66
CA GLY E 80 -20.40 14.53 27.93
C GLY E 80 -19.78 13.17 27.66
N LYS E 81 -20.00 12.21 28.56
CA LYS E 81 -19.62 10.83 28.25
C LYS E 81 -20.36 10.34 27.01
N ALA E 82 -21.67 10.63 26.92
CA ALA E 82 -22.44 10.13 25.78
C ALA E 82 -22.09 10.87 24.50
N LYS E 83 -21.84 12.18 24.58
CA LYS E 83 -21.35 12.90 23.40
C LYS E 83 -20.01 12.30 22.92
N CYS E 84 -19.07 12.11 23.84
CA CYS E 84 -17.74 11.65 23.45
C CYS E 84 -17.79 10.26 22.84
N ALA E 85 -18.56 9.34 23.45
CA ALA E 85 -18.70 8.00 22.89
C ALA E 85 -19.45 8.02 21.57
N ARG E 86 -20.44 8.89 21.43
CA ARG E 86 -21.04 9.06 20.13
C ARG E 86 -20.00 9.45 19.09
N ASP E 87 -19.18 10.45 19.42
CA ASP E 87 -18.17 10.94 18.47
C ASP E 87 -17.23 9.82 18.05
N ILE E 88 -16.77 9.03 19.03
CA ILE E 88 -15.78 7.99 18.73
C ILE E 88 -16.39 6.96 17.79
N GLY E 89 -17.64 6.59 18.04
CA GLY E 89 -18.36 5.74 17.08
C GLY E 89 -18.39 6.35 15.68
N TYR E 90 -18.52 7.68 15.60
CA TYR E 90 -18.58 8.30 14.28
C TYR E 90 -17.27 8.06 13.53
N TYR E 91 -16.14 8.29 14.20
CA TYR E 91 -14.83 8.01 13.62
C TYR E 91 -14.71 6.55 13.16
N LEU E 92 -15.12 5.61 14.01
CA LEU E 92 -15.05 4.20 13.64
C LEU E 92 -15.98 3.88 12.48
N ARG E 93 -17.22 4.38 12.51
CA ARG E 93 -18.11 4.16 11.39
C ARG E 93 -17.48 4.69 10.11
N MET E 94 -16.71 5.76 10.22
CA MET E 94 -16.09 6.36 9.03
C MET E 94 -14.94 5.50 8.51
N VAL E 95 -14.10 4.93 9.39
CA VAL E 95 -13.13 3.94 8.92
C VAL E 95 -13.84 2.80 8.18
N THR E 96 -14.91 2.26 8.77
CA THR E 96 -15.59 1.15 8.10
C THR E 96 -16.06 1.54 6.70
N TYR E 97 -16.61 2.75 6.56
CA TYR E 97 -17.11 3.20 5.27
C TYR E 97 -15.99 3.31 4.25
N CYS E 98 -14.84 3.90 4.65
CA CYS E 98 -13.69 4.02 3.77
C CYS E 98 -13.22 2.63 3.31
N LEU E 99 -13.15 1.68 4.24
CA LEU E 99 -12.86 0.31 3.84
C LEU E 99 -13.86 -0.22 2.81
N VAL E 100 -15.14 0.09 2.97
CA VAL E 100 -16.13 -0.49 2.05
C VAL E 100 -16.01 0.14 0.67
N ALA E 101 -15.69 1.44 0.63
CA ALA E 101 -15.57 2.18 -0.63
C ALA E 101 -14.20 2.02 -1.29
N GLY E 102 -13.22 1.53 -0.55
CA GLY E 102 -11.87 1.54 -1.06
C GLY E 102 -11.30 2.93 -1.21
N GLY E 103 -11.79 3.89 -0.42
CA GLY E 103 -11.24 5.24 -0.47
C GLY E 103 -11.70 6.12 0.67
N THR E 104 -11.09 7.31 0.72
CA THR E 104 -11.30 8.27 1.81
C THR E 104 -12.60 9.05 1.67
N GLY E 105 -13.28 8.95 0.54
CA GLY E 105 -14.41 9.80 0.22
C GLY E 105 -15.41 9.99 1.34
N PRO E 106 -15.86 8.90 1.97
CA PRO E 106 -16.87 9.05 3.04
C PRO E 106 -16.37 9.84 4.24
N MET E 107 -15.16 9.53 4.71
CA MET E 107 -14.61 10.31 5.81
C MET E 107 -14.43 11.77 5.40
N ASP E 108 -13.94 12.00 4.17
CA ASP E 108 -13.71 13.38 3.73
C ASP E 108 -15.01 14.18 3.77
N GLU E 109 -16.07 13.59 3.21
CA GLU E 109 -17.32 14.30 3.04
C GLU E 109 -18.01 14.50 4.37
N TYR E 110 -18.03 13.46 5.20
CA TYR E 110 -18.91 13.45 6.36
C TYR E 110 -18.22 13.85 7.66
N LEU E 111 -16.88 13.85 7.70
CA LEU E 111 -16.23 14.18 8.97
C LEU E 111 -15.08 15.17 8.81
N ILE E 112 -14.26 15.02 7.78
CA ILE E 112 -13.09 15.91 7.70
C ILE E 112 -13.46 17.29 7.19
N ALA E 113 -14.39 17.40 6.25
CA ALA E 113 -14.91 18.69 5.82
C ALA E 113 -15.53 19.42 7.02
N GLY E 114 -14.90 20.52 7.43
CA GLY E 114 -15.33 21.32 8.55
C GLY E 114 -14.87 20.83 9.90
N LEU E 115 -14.00 19.81 9.93
CA LEU E 115 -13.57 19.24 11.20
C LEU E 115 -12.90 20.29 12.08
N SER E 116 -11.96 21.04 11.51
CA SER E 116 -11.27 22.07 12.26
C SER E 116 -12.25 23.08 12.85
N GLU E 117 -13.24 23.48 12.04
CA GLU E 117 -14.19 24.50 12.49
C GLU E 117 -14.95 24.03 13.72
N ILE E 118 -15.33 22.76 13.74
CA ILE E 118 -16.13 22.25 14.86
C ILE E 118 -15.26 22.17 16.11
N ASN E 119 -14.07 21.58 15.99
CA ASN E 119 -13.24 21.38 17.16
C ASN E 119 -12.88 22.70 17.80
N SER E 120 -12.74 23.75 16.98
CA SER E 120 -12.49 25.09 17.52
C SER E 120 -13.73 25.69 18.16
N THR E 121 -14.83 25.71 17.42
CA THR E 121 -16.00 26.37 17.94
C THR E 121 -16.41 25.78 19.29
N PHE E 122 -16.44 24.46 19.38
CA PHE E 122 -16.93 23.74 20.55
C PHE E 122 -15.83 23.35 21.54
N ASP E 123 -14.59 23.82 21.31
CA ASP E 123 -13.44 23.61 22.20
C ASP E 123 -13.12 22.14 22.43
N LEU E 124 -13.15 21.35 21.35
CA LEU E 124 -12.80 19.94 21.40
C LEU E 124 -11.37 19.84 20.93
N SER E 125 -10.55 19.15 21.71
CA SER E 125 -9.13 19.05 21.41
C SER E 125 -8.87 17.91 20.42
N PRO E 126 -8.12 18.14 19.34
CA PRO E 126 -7.78 17.03 18.44
C PRO E 126 -7.06 15.87 19.12
N SER E 127 -6.23 16.16 20.14
CA SER E 127 -5.45 15.12 20.80
C SER E 127 -6.34 14.01 21.31
N TRP E 128 -7.54 14.36 21.78
CA TRP E 128 -8.47 13.35 22.27
C TRP E 128 -8.81 12.34 21.19
N TYR E 129 -9.25 12.82 20.02
CA TYR E 129 -9.67 11.91 18.98
C TYR E 129 -8.49 11.12 18.46
N ILE E 130 -7.29 11.70 18.55
CA ILE E 130 -6.10 11.00 18.09
C ILE E 130 -5.78 9.82 19.00
N GLU E 131 -5.83 10.03 20.31
CA GLU E 131 -5.68 8.92 21.24
C GLU E 131 -6.67 7.82 20.92
N ALA E 132 -7.95 8.19 20.77
CA ALA E 132 -9.00 7.22 20.48
C ALA E 132 -8.63 6.35 19.28
N LEU E 133 -8.24 6.98 18.17
CA LEU E 133 -7.89 6.23 16.97
C LEU E 133 -6.64 5.37 17.21
N LYS E 134 -5.66 5.90 17.93
CA LYS E 134 -4.51 5.07 18.31
C LYS E 134 -4.97 3.79 19.02
N TYR E 135 -5.92 3.91 19.94
CA TYR E 135 -6.44 2.73 20.61
C TYR E 135 -7.05 1.73 19.62
N ILE E 136 -7.95 2.21 18.77
CA ILE E 136 -8.56 1.36 17.74
C ILE E 136 -7.49 0.65 16.89
N LYS E 137 -6.49 1.41 16.42
CA LYS E 137 -5.40 0.80 15.66
C LYS E 137 -4.74 -0.33 16.44
N ALA E 138 -4.55 -0.14 17.74
CA ALA E 138 -3.77 -1.02 18.57
C ALA E 138 -4.54 -2.26 18.99
N ASN E 139 -5.87 -2.22 18.95
CA ASN E 139 -6.73 -3.23 19.55
C ASN E 139 -7.72 -3.84 18.56
N HIS E 140 -7.57 -3.66 17.24
CA HIS E 140 -8.63 -4.21 16.38
C HIS E 140 -8.46 -5.72 16.14
N GLY E 141 -7.28 -6.27 16.40
CA GLY E 141 -7.06 -7.70 16.28
C GLY E 141 -6.60 -8.17 14.91
N LEU E 142 -6.65 -7.30 13.92
CA LEU E 142 -6.35 -7.65 12.55
C LEU E 142 -4.88 -7.99 12.39
N THR E 143 -4.61 -8.85 11.40
CA THR E 143 -3.29 -9.24 10.95
C THR E 143 -3.20 -9.05 9.44
N GLY E 144 -1.99 -9.18 8.90
CA GLY E 144 -1.81 -9.15 7.47
C GLY E 144 -2.32 -7.87 6.82
N GLN E 145 -2.72 -8.01 5.55
CA GLN E 145 -3.09 -6.83 4.78
C GLN E 145 -4.42 -6.22 5.24
N ALA E 146 -5.31 -6.99 5.88
CA ALA E 146 -6.47 -6.38 6.51
C ALA E 146 -6.05 -5.29 7.50
N ALA E 147 -5.07 -5.61 8.36
CA ALA E 147 -4.55 -4.61 9.29
C ALA E 147 -4.01 -3.41 8.52
N VAL E 148 -3.17 -3.67 7.53
CA VAL E 148 -2.66 -2.58 6.70
C VAL E 148 -3.83 -1.70 6.22
N GLU E 149 -4.92 -2.33 5.81
CA GLU E 149 -6.02 -1.54 5.27
C GLU E 149 -6.66 -0.69 6.37
N ALA E 150 -6.93 -1.28 7.54
CA ALA E 150 -7.56 -0.50 8.60
C ALA E 150 -6.66 0.65 9.06
N ASN E 151 -5.38 0.41 9.23
CA ASN E 151 -4.52 1.46 9.79
C ASN E 151 -4.27 2.60 8.82
N ALA E 152 -4.39 2.33 7.51
CA ALA E 152 -4.21 3.41 6.54
C ALA E 152 -5.30 4.49 6.70
N TYR E 153 -6.56 4.07 6.82
CA TYR E 153 -7.65 5.01 7.02
C TYR E 153 -7.75 5.53 8.45
N ILE E 154 -7.23 4.77 9.42
CA ILE E 154 -7.05 5.32 10.76
C ILE E 154 -5.93 6.37 10.76
N ASP E 155 -4.79 6.05 10.15
CA ASP E 155 -3.73 7.06 10.13
C ASP E 155 -4.12 8.28 9.29
N TYR E 156 -5.04 8.12 8.35
CA TYR E 156 -5.49 9.25 7.54
C TYR E 156 -6.31 10.21 8.37
N ALA E 157 -7.17 9.65 9.25
CA ALA E 157 -7.88 10.46 10.23
C ALA E 157 -6.91 11.15 11.18
N ILE E 158 -5.98 10.39 11.75
CA ILE E 158 -4.98 11.00 12.63
C ILE E 158 -4.30 12.17 11.95
N ASN E 159 -3.84 11.97 10.72
CA ASN E 159 -3.22 13.07 9.98
C ASN E 159 -4.17 14.26 9.89
N ALA E 160 -5.42 14.02 9.48
CA ALA E 160 -6.40 15.11 9.37
C ALA E 160 -6.48 15.90 10.67
N LEU E 161 -6.30 15.23 11.80
CA LEU E 161 -6.41 15.84 13.10
C LEU E 161 -5.12 16.49 13.55
N SER E 162 -4.08 16.49 12.71
CA SER E 162 -2.76 16.89 13.22
C SER E 162 -2.14 18.10 12.59
N MET F 1 -20.93 12.11 -7.45
CA MET F 1 -20.99 10.81 -8.15
C MET F 1 -20.72 9.64 -7.20
N LEU F 2 -21.52 8.59 -7.29
CA LEU F 2 -21.34 7.43 -6.46
C LEU F 2 -21.06 6.20 -7.32
N ASP F 3 -20.34 5.26 -6.74
CA ASP F 3 -20.26 3.91 -7.29
C ASP F 3 -21.09 3.03 -6.36
N ALA F 4 -21.21 1.75 -6.72
CA ALA F 4 -22.10 0.87 -5.96
C ALA F 4 -21.75 0.86 -4.48
N PHE F 5 -20.45 0.93 -4.15
CA PHE F 5 -20.06 0.90 -2.74
C PHE F 5 -20.41 2.21 -2.05
N ALA F 6 -20.18 3.32 -2.74
CA ALA F 6 -20.42 4.59 -2.10
C ALA F 6 -21.89 4.84 -1.90
N LYS F 7 -22.73 4.23 -2.75
CA LYS F 7 -24.17 4.41 -2.60
C LYS F 7 -24.66 3.75 -1.34
N VAL F 8 -24.19 2.52 -1.09
CA VAL F 8 -24.51 1.81 0.15
C VAL F 8 -24.03 2.60 1.36
N VAL F 9 -22.82 3.14 1.29
CA VAL F 9 -22.26 3.93 2.39
C VAL F 9 -23.11 5.18 2.61
N ALA F 10 -23.53 5.82 1.53
CA ALA F 10 -24.35 7.03 1.67
C ALA F 10 -25.72 6.71 2.27
N GLN F 11 -26.32 5.58 1.86
CA GLN F 11 -27.53 5.11 2.50
C GLN F 11 -27.30 4.83 3.98
N ALA F 12 -26.16 4.24 4.33
CA ALA F 12 -25.99 3.84 5.72
C ALA F 12 -25.78 5.06 6.60
N ASP F 13 -24.98 6.01 6.14
CA ASP F 13 -24.68 7.20 6.92
C ASP F 13 -25.95 7.99 7.21
N ALA F 14 -26.85 8.08 6.23
CA ALA F 14 -28.09 8.82 6.44
C ALA F 14 -28.89 8.30 7.62
N ARG F 15 -28.60 7.07 8.05
CA ARG F 15 -29.23 6.40 9.18
C ARG F 15 -28.27 6.25 10.37
N GLY F 16 -27.06 6.77 10.27
CA GLY F 16 -26.04 6.51 11.28
C GLY F 16 -25.68 5.04 11.48
N GLU F 17 -25.76 4.18 10.45
CA GLU F 17 -25.60 2.73 10.65
C GLU F 17 -24.29 2.23 10.08
N PHE F 18 -23.64 1.32 10.82
CA PHE F 18 -22.69 0.40 10.21
C PHE F 18 -23.42 -0.46 9.18
N LEU F 19 -22.67 -1.15 8.33
CA LEU F 19 -23.31 -2.02 7.33
C LEU F 19 -23.76 -3.33 7.96
N THR F 20 -24.88 -3.86 7.45
CA THR F 20 -25.35 -5.21 7.72
C THR F 20 -24.59 -6.24 6.87
N ASN F 21 -24.64 -7.51 7.30
CA ASN F 21 -23.98 -8.55 6.52
C ASN F 21 -24.63 -8.73 5.17
N ALA F 22 -25.95 -8.51 5.09
CA ALA F 22 -26.60 -8.39 3.81
C ALA F 22 -25.75 -7.53 2.86
N GLN F 23 -25.48 -6.28 3.25
CA GLN F 23 -24.84 -5.35 2.34
C GLN F 23 -23.39 -5.72 2.10
N PHE F 24 -22.65 -6.03 3.16
CA PHE F 24 -21.32 -6.60 3.00
C PHE F 24 -21.32 -7.71 1.95
N ASP F 25 -22.25 -8.65 2.09
CA ASP F 25 -22.29 -9.79 1.16
C ASP F 25 -22.62 -9.33 -0.25
N ALA F 26 -23.60 -8.44 -0.39
CA ALA F 26 -23.97 -8.00 -1.72
C ALA F 26 -22.78 -7.36 -2.42
N LEU F 27 -22.10 -6.41 -1.75
CA LEU F 27 -20.96 -5.75 -2.36
C LEU F 27 -19.81 -6.71 -2.59
N SER F 28 -19.56 -7.63 -1.66
CA SER F 28 -18.53 -8.63 -1.90
C SER F 28 -18.87 -9.42 -3.16
N ASN F 29 -20.14 -9.78 -3.34
CA ASN F 29 -20.53 -10.52 -4.53
C ASN F 29 -20.32 -9.69 -5.79
N LEU F 30 -20.49 -8.37 -5.71
CA LEU F 30 -20.19 -7.60 -6.91
C LEU F 30 -18.72 -7.67 -7.24
N VAL F 31 -17.87 -7.74 -6.21
CA VAL F 31 -16.44 -7.79 -6.46
C VAL F 31 -16.03 -9.13 -7.11
N LYS F 32 -16.58 -10.25 -6.65
CA LYS F 32 -16.17 -11.50 -7.28
C LYS F 32 -16.68 -11.62 -8.72
N GLU F 33 -17.71 -10.84 -9.10
CA GLU F 33 -18.19 -10.78 -10.47
C GLU F 33 -17.45 -9.72 -11.29
N GLY F 34 -16.48 -9.04 -10.67
CA GLY F 34 -15.89 -7.84 -11.26
C GLY F 34 -15.16 -8.06 -12.58
N ASN F 35 -14.58 -9.25 -12.77
CA ASN F 35 -13.87 -9.51 -14.02
C ASN F 35 -14.80 -9.34 -15.21
N LYS F 36 -16.03 -9.87 -15.10
CA LYS F 36 -17.00 -9.75 -16.16
C LYS F 36 -17.32 -8.29 -16.44
N ARG F 37 -17.46 -7.50 -15.36
CA ARG F 37 -17.76 -6.08 -15.50
C ARG F 37 -16.68 -5.38 -16.29
N LEU F 38 -15.41 -5.70 -16.00
CA LEU F 38 -14.30 -5.13 -16.75
C LEU F 38 -14.30 -5.60 -18.21
N ASP F 39 -14.57 -6.89 -18.45
CA ASP F 39 -14.66 -7.36 -19.83
C ASP F 39 -15.67 -6.55 -20.62
N ALA F 40 -16.81 -6.25 -19.99
CA ALA F 40 -17.91 -5.60 -20.68
C ALA F 40 -17.55 -4.16 -21.05
N VAL F 41 -16.95 -3.41 -20.13
CA VAL F 41 -16.54 -2.04 -20.46
C VAL F 41 -15.49 -2.04 -21.57
N ASN F 42 -14.46 -2.88 -21.42
CA ASN F 42 -13.40 -2.92 -22.43
C ASN F 42 -13.98 -3.28 -23.80
N ARG F 43 -14.87 -4.28 -23.84
CA ARG F 43 -15.44 -4.73 -25.09
C ARG F 43 -16.28 -3.65 -25.73
N ILE F 44 -17.19 -3.05 -24.96
CA ILE F 44 -18.00 -1.97 -25.52
C ILE F 44 -17.11 -0.82 -25.95
N THR F 45 -16.18 -0.41 -25.09
CA THR F 45 -15.33 0.74 -25.41
C THR F 45 -14.46 0.49 -26.65
N SER F 46 -13.84 -0.68 -26.72
CA SER F 46 -13.03 -0.99 -27.91
C SER F 46 -13.83 -1.03 -29.21
N ASN F 47 -15.16 -1.06 -29.13
CA ASN F 47 -16.00 -1.05 -30.33
C ASN F 47 -16.90 0.20 -30.38
N ALA F 48 -16.50 1.24 -29.65
CA ALA F 48 -17.30 2.45 -29.53
C ALA F 48 -17.62 3.06 -30.89
N SER F 49 -16.58 3.28 -31.70
CA SER F 49 -16.74 3.94 -32.99
C SER F 49 -17.75 3.21 -33.86
N THR F 50 -17.67 1.88 -33.92
CA THR F 50 -18.61 1.18 -34.79
C THR F 50 -20.00 1.04 -34.16
N ILE F 51 -20.09 0.91 -32.84
CA ILE F 51 -21.40 0.96 -32.20
C ILE F 51 -22.13 2.24 -32.59
N VAL F 52 -21.42 3.37 -32.60
CA VAL F 52 -22.09 4.65 -32.82
C VAL F 52 -22.45 4.84 -34.30
N ALA F 53 -21.49 4.57 -35.19
CA ALA F 53 -21.70 4.82 -36.61
C ALA F 53 -22.76 3.88 -37.18
N ASN F 54 -22.69 2.60 -36.83
CA ASN F 54 -23.71 1.65 -37.27
C ASN F 54 -25.09 2.05 -36.78
N ALA F 55 -25.19 2.46 -35.50
CA ALA F 55 -26.48 2.91 -34.96
C ALA F 55 -27.00 4.16 -35.66
N ALA F 56 -26.12 5.15 -35.89
CA ALA F 56 -26.55 6.37 -36.59
C ALA F 56 -27.02 6.04 -37.99
N ARG F 57 -26.21 5.30 -38.75
CA ARG F 57 -26.63 4.86 -40.07
C ARG F 57 -27.99 4.19 -39.99
N ALA F 58 -28.18 3.30 -39.03
CA ALA F 58 -29.44 2.58 -38.98
C ALA F 58 -30.58 3.52 -38.64
N LEU F 59 -30.34 4.52 -37.77
CA LEU F 59 -31.40 5.47 -37.43
C LEU F 59 -31.85 6.26 -38.66
N PHE F 60 -30.89 6.77 -39.42
CA PHE F 60 -31.23 7.62 -40.55
C PHE F 60 -31.93 6.85 -41.64
N ALA F 61 -31.63 5.55 -41.77
CA ALA F 61 -32.31 4.73 -42.77
C ALA F 61 -33.77 4.49 -42.39
N GLU F 62 -34.04 4.29 -41.10
CA GLU F 62 -35.43 4.20 -40.66
C GLU F 62 -36.12 5.55 -40.62
N GLN F 63 -35.36 6.66 -40.56
CA GLN F 63 -35.94 7.99 -40.32
C GLN F 63 -35.31 9.00 -41.25
N PRO F 64 -35.43 8.80 -42.55
CA PRO F 64 -34.76 9.69 -43.50
C PRO F 64 -35.21 11.13 -43.39
N GLN F 65 -36.33 11.40 -42.73
CA GLN F 65 -36.74 12.80 -42.60
C GLN F 65 -35.72 13.58 -41.78
N LEU F 66 -34.97 12.91 -40.90
CA LEU F 66 -33.95 13.56 -40.09
C LEU F 66 -32.83 14.15 -40.94
N ILE F 67 -32.55 13.56 -42.10
CA ILE F 67 -31.46 14.03 -42.95
C ILE F 67 -31.94 14.70 -44.22
N GLN F 68 -33.25 14.71 -44.49
CA GLN F 68 -33.73 15.59 -45.54
C GLN F 68 -33.32 17.01 -45.20
N PRO F 69 -33.05 17.85 -46.19
CA PRO F 69 -32.91 19.29 -45.90
C PRO F 69 -34.03 19.82 -45.03
N GLY F 70 -33.66 20.56 -44.00
CA GLY F 70 -34.58 21.04 -42.99
C GLY F 70 -34.60 20.20 -41.74
N GLY F 71 -34.32 18.91 -41.86
CA GLY F 71 -34.34 18.03 -40.72
C GLY F 71 -33.31 18.33 -39.66
N ALA F 73 -30.95 16.55 -38.34
CA ALA F 73 -29.58 16.10 -38.56
C ALA F 73 -28.97 16.59 -39.89
N TYR F 74 -29.65 17.53 -40.56
CA TYR F 74 -29.14 18.06 -41.81
C TYR F 74 -28.15 19.20 -41.55
N THR F 75 -27.19 19.34 -42.49
CA THR F 75 -25.94 20.09 -42.35
C THR F 75 -24.93 19.24 -41.58
N ASN F 76 -23.62 19.48 -41.80
CA ASN F 76 -22.61 18.65 -41.15
C ASN F 76 -22.48 18.99 -39.67
N ARG F 77 -22.64 20.29 -39.35
CA ARG F 77 -22.63 20.74 -37.95
C ARG F 77 -23.67 20.01 -37.12
N ARG F 78 -24.89 19.90 -37.65
CA ARG F 78 -25.93 19.20 -36.90
C ARG F 78 -25.68 17.70 -36.90
N MET F 79 -25.19 17.16 -38.02
CA MET F 79 -24.85 15.74 -38.05
C MET F 79 -23.74 15.47 -37.06
N ALA F 80 -22.72 16.33 -37.03
CA ALA F 80 -21.63 16.12 -36.05
C ALA F 80 -22.18 16.12 -34.64
N ALA F 81 -23.10 17.05 -34.33
CA ALA F 81 -23.63 17.15 -32.97
C ALA F 81 -24.40 15.90 -32.58
N CYS F 82 -25.25 15.41 -33.48
CA CYS F 82 -26.00 14.20 -33.22
C CYS F 82 -25.08 13.02 -32.95
N LEU F 83 -24.14 12.77 -33.87
CA LEU F 83 -23.09 11.78 -33.62
C LEU F 83 -22.41 12.04 -32.27
N ARG F 84 -22.00 13.28 -32.01
CA ARG F 84 -21.38 13.57 -30.71
C ARG F 84 -22.29 13.14 -29.56
N ASP F 85 -23.55 13.58 -29.58
CA ASP F 85 -24.51 13.18 -28.56
C ASP F 85 -24.52 11.67 -28.37
N MET F 86 -24.50 10.92 -29.47
CA MET F 86 -24.46 9.48 -29.36
C MET F 86 -23.20 9.02 -28.63
N GLU F 87 -22.03 9.56 -29.00
CA GLU F 87 -20.82 9.18 -28.27
C GLU F 87 -20.98 9.49 -26.79
N ILE F 88 -21.49 10.69 -26.48
CA ILE F 88 -21.55 11.14 -25.09
C ILE F 88 -22.44 10.23 -24.29
N ILE F 89 -23.60 9.84 -24.83
CA ILE F 89 -24.49 9.00 -24.07
C ILE F 89 -23.83 7.64 -23.82
N LEU F 90 -23.24 7.07 -24.87
CA LEU F 90 -22.63 5.76 -24.73
C LEU F 90 -21.53 5.81 -23.68
N ARG F 91 -20.67 6.82 -23.75
CA ARG F 91 -19.57 6.95 -22.79
C ARG F 91 -20.08 6.98 -21.36
N TYR F 92 -21.12 7.77 -21.08
CA TYR F 92 -21.61 7.83 -19.71
C TYR F 92 -22.27 6.52 -19.30
N VAL F 93 -22.92 5.84 -20.23
CA VAL F 93 -23.41 4.50 -19.93
C VAL F 93 -22.25 3.61 -19.50
N THR F 94 -21.09 3.74 -20.17
CA THR F 94 -19.97 2.87 -19.79
C THR F 94 -19.37 3.29 -18.46
N TYR F 95 -19.42 4.59 -18.15
CA TYR F 95 -19.06 5.01 -16.79
C TYR F 95 -19.94 4.30 -15.78
N ALA F 96 -21.27 4.34 -16.01
CA ALA F 96 -22.22 3.70 -15.11
C ALA F 96 -21.97 2.21 -15.00
N ILE F 97 -21.51 1.58 -16.07
CA ILE F 97 -21.27 0.14 -16.00
C ILE F 97 -20.08 -0.16 -15.08
N LEU F 98 -18.97 0.57 -15.29
CA LEU F 98 -17.82 0.49 -14.40
C LEU F 98 -18.21 0.76 -12.95
N ALA F 99 -19.03 1.78 -12.71
CA ALA F 99 -19.30 2.15 -11.33
C ALA F 99 -20.25 1.19 -10.65
N GLY F 100 -21.10 0.50 -11.42
CA GLY F 100 -22.21 -0.20 -10.83
C GLY F 100 -23.25 0.71 -10.23
N ASP F 101 -23.48 1.87 -10.85
CA ASP F 101 -24.44 2.85 -10.34
C ASP F 101 -24.73 3.89 -11.43
N SER F 102 -26.01 4.24 -11.61
CA SER F 102 -26.38 5.17 -12.68
C SER F 102 -26.12 6.64 -12.35
N SER F 103 -25.60 6.96 -11.16
CA SER F 103 -25.60 8.36 -10.73
C SER F 103 -24.73 9.24 -11.63
N VAL F 104 -23.57 8.76 -12.07
CA VAL F 104 -22.76 9.59 -12.97
C VAL F 104 -23.53 9.87 -14.26
N LEU F 105 -24.23 8.86 -14.77
CA LEU F 105 -25.02 9.03 -15.99
C LEU F 105 -26.15 10.04 -15.76
N ASP F 106 -26.86 9.87 -14.64
CA ASP F 106 -27.94 10.79 -14.29
C ASP F 106 -27.42 12.20 -14.14
N ASP F 107 -26.47 12.42 -13.24
CA ASP F 107 -26.13 13.80 -12.89
C ASP F 107 -25.51 14.51 -14.08
N ARG F 108 -24.55 13.86 -14.74
CA ARG F 108 -23.68 14.55 -15.68
C ARG F 108 -24.15 14.44 -17.11
N CYS F 109 -25.11 13.56 -17.41
CA CYS F 109 -25.56 13.45 -18.80
C CYS F 109 -27.07 13.58 -18.95
N LEU F 110 -27.84 12.84 -18.16
CA LEU F 110 -29.27 12.76 -18.45
C LEU F 110 -30.06 13.93 -17.88
N ASN F 111 -29.58 14.54 -16.81
CA ASN F 111 -30.38 15.55 -16.14
C ASN F 111 -30.47 16.80 -17.00
N GLY F 112 -31.68 17.19 -17.38
CA GLY F 112 -31.90 18.35 -18.23
C GLY F 112 -31.83 18.08 -19.72
N LEU F 113 -31.42 16.89 -20.12
CA LEU F 113 -31.28 16.60 -21.53
C LEU F 113 -32.63 16.66 -22.24
N ARG F 114 -33.67 16.04 -21.65
CA ARG F 114 -34.97 16.04 -22.32
C ARG F 114 -35.42 17.47 -22.64
N GLU F 115 -35.20 18.39 -21.69
CA GLU F 115 -35.58 19.78 -21.89
C GLU F 115 -34.70 20.45 -22.94
N THR F 116 -33.41 20.11 -22.94
CA THR F 116 -32.52 20.62 -23.99
C THR F 116 -33.04 20.26 -25.37
N TYR F 117 -33.53 19.03 -25.54
CA TYR F 117 -34.01 18.63 -26.86
C TYR F 117 -35.30 19.36 -27.20
N GLN F 118 -36.26 19.35 -26.26
CA GLN F 118 -37.49 20.12 -26.41
C GLN F 118 -37.21 21.55 -26.81
N ALA F 119 -36.25 22.18 -26.14
CA ALA F 119 -35.79 23.51 -26.54
C ALA F 119 -35.31 23.58 -27.99
N LEU F 120 -34.22 22.86 -28.30
CA LEU F 120 -33.60 22.94 -29.62
C LEU F 120 -34.53 22.50 -30.75
N GLY F 121 -35.55 21.70 -30.49
CA GLY F 121 -36.30 21.10 -31.57
C GLY F 121 -35.86 19.69 -31.95
N THR F 122 -35.03 19.05 -31.14
CA THR F 122 -34.56 17.72 -31.49
C THR F 122 -35.59 16.68 -31.06
N PRO F 123 -36.07 15.82 -31.97
CA PRO F 123 -36.97 14.73 -31.57
C PRO F 123 -36.38 13.70 -30.61
N GLY F 124 -36.72 13.82 -29.33
CA GLY F 124 -36.20 12.88 -28.34
C GLY F 124 -36.60 11.43 -28.58
N SER F 125 -37.75 11.21 -29.22
CA SER F 125 -38.11 9.85 -29.63
C SER F 125 -37.07 9.25 -30.58
N SER F 126 -36.50 10.08 -31.45
CA SER F 126 -35.46 9.57 -32.34
C SER F 126 -34.16 9.35 -31.57
N VAL F 127 -33.87 10.17 -30.57
CA VAL F 127 -32.65 9.93 -29.82
C VAL F 127 -32.78 8.59 -29.09
N ALA F 128 -33.99 8.29 -28.62
CA ALA F 128 -34.23 7.05 -27.89
C ALA F 128 -34.07 5.84 -28.80
N VAL F 129 -34.45 5.99 -30.07
CA VAL F 129 -34.20 4.95 -31.03
C VAL F 129 -32.69 4.78 -31.18
N ALA F 130 -31.96 5.90 -31.36
CA ALA F 130 -30.51 5.78 -31.52
C ALA F 130 -29.90 5.11 -30.30
N ILE F 131 -30.45 5.39 -29.12
CA ILE F 131 -29.89 4.83 -27.90
C ILE F 131 -30.17 3.33 -27.83
N GLN F 132 -31.36 2.94 -28.30
CA GLN F 132 -31.76 1.54 -28.23
C GLN F 132 -31.02 0.71 -29.25
N LYS F 133 -30.57 1.34 -30.35
CA LYS F 133 -29.71 0.61 -31.26
C LYS F 133 -28.35 0.37 -30.61
N MET F 134 -27.74 1.44 -30.05
CA MET F 134 -26.43 1.24 -29.41
C MET F 134 -26.51 0.18 -28.33
N LYS F 135 -27.66 0.06 -27.65
CA LYS F 135 -27.77 -0.95 -26.60
C LYS F 135 -27.66 -2.35 -27.19
N ASP F 136 -28.50 -2.64 -28.19
CA ASP F 136 -28.47 -3.97 -28.79
C ASP F 136 -27.06 -4.33 -29.27
N ALA F 137 -26.42 -3.42 -30.02
CA ALA F 137 -25.05 -3.67 -30.47
C ALA F 137 -24.10 -3.88 -29.30
N ALA F 138 -24.18 -3.01 -28.28
CA ALA F 138 -23.22 -3.04 -27.17
C ALA F 138 -23.33 -4.35 -26.39
N ILE F 139 -24.54 -4.78 -26.07
CA ILE F 139 -24.71 -6.02 -25.29
C ILE F 139 -24.21 -7.21 -26.08
N ALA F 140 -24.61 -7.29 -27.35
CA ALA F 140 -24.17 -8.41 -28.18
C ALA F 140 -22.65 -8.50 -28.21
N ILE F 141 -21.97 -7.35 -28.26
CA ILE F 141 -20.50 -7.33 -28.24
C ILE F 141 -19.98 -7.66 -26.85
N ALA F 142 -20.58 -7.10 -25.81
CA ALA F 142 -20.11 -7.40 -24.46
C ALA F 142 -20.30 -8.87 -24.12
N ASN F 143 -21.38 -9.50 -24.62
CA ASN F 143 -21.76 -10.85 -24.23
C ASN F 143 -21.45 -11.90 -25.30
N ASP F 144 -20.54 -11.58 -26.19
CA ASP F 144 -20.04 -12.54 -27.17
C ASP F 144 -19.24 -13.65 -26.48
N PRO F 145 -19.57 -14.92 -26.71
CA PRO F 145 -18.88 -16.00 -25.99
C PRO F 145 -17.60 -16.44 -26.64
N ASN F 146 -17.18 -15.79 -27.73
CA ASN F 146 -15.91 -16.13 -28.36
C ASN F 146 -14.78 -15.29 -27.78
N GLY F 147 -13.64 -15.95 -27.57
CA GLY F 147 -12.46 -15.26 -27.14
C GLY F 147 -12.52 -14.78 -25.72
N ILE F 148 -13.14 -15.57 -24.83
CA ILE F 148 -13.33 -15.20 -23.44
C ILE F 148 -13.65 -16.45 -22.66
N THR F 149 -13.18 -16.51 -21.41
CA THR F 149 -13.51 -17.66 -20.57
C THR F 149 -15.02 -17.83 -20.52
N PRO F 150 -15.55 -19.03 -20.71
CA PRO F 150 -17.01 -19.19 -20.72
C PRO F 150 -17.62 -18.93 -19.35
N GLY F 151 -18.77 -18.30 -19.35
CA GLY F 151 -19.50 -18.15 -18.11
C GLY F 151 -20.74 -17.37 -18.41
N ASP F 152 -21.52 -17.19 -17.35
CA ASP F 152 -22.82 -16.56 -17.44
C ASP F 152 -22.71 -15.09 -17.01
N CYS F 153 -22.93 -14.19 -17.95
CA CYS F 153 -22.97 -12.76 -17.69
C CYS F 153 -24.39 -12.22 -17.71
N SER F 154 -25.38 -13.09 -17.58
CA SER F 154 -26.77 -12.67 -17.73
C SER F 154 -27.13 -11.56 -16.73
N ALA F 155 -26.80 -11.75 -15.45
CA ALA F 155 -27.03 -10.69 -14.47
C ALA F 155 -26.46 -9.36 -14.95
N LEU F 156 -25.23 -9.37 -15.48
CA LEU F 156 -24.61 -8.11 -15.89
C LEU F 156 -25.28 -7.56 -17.13
N MET F 157 -25.50 -8.39 -18.16
CA MET F 157 -26.18 -7.88 -19.35
C MET F 157 -27.52 -7.23 -19.00
N SER F 158 -28.24 -7.76 -18.01
CA SER F 158 -29.49 -7.09 -17.58
C SER F 158 -29.20 -5.71 -16.99
N GLU F 159 -28.16 -5.61 -16.16
CA GLU F 159 -27.78 -4.32 -15.59
C GLU F 159 -27.51 -3.33 -16.70
N ILE F 160 -26.87 -3.80 -17.76
CA ILE F 160 -26.37 -2.91 -18.81
C ILE F 160 -27.54 -2.40 -19.64
N ALA F 161 -28.49 -3.29 -19.96
CA ALA F 161 -29.71 -2.86 -20.62
C ALA F 161 -30.45 -1.91 -19.73
N GLY F 162 -30.29 -2.10 -18.42
CA GLY F 162 -30.80 -1.12 -17.47
C GLY F 162 -30.38 0.30 -17.81
N TYR F 163 -29.07 0.51 -18.01
CA TYR F 163 -28.59 1.89 -18.14
C TYR F 163 -28.96 2.47 -19.49
N PHE F 164 -29.07 1.64 -20.52
CA PHE F 164 -29.46 2.15 -21.84
C PHE F 164 -30.92 2.57 -21.83
N ASP F 165 -31.80 1.72 -21.29
CA ASP F 165 -33.23 2.04 -21.27
C ASP F 165 -33.52 3.24 -20.37
N ARG F 166 -32.81 3.35 -19.25
CA ARG F 166 -32.90 4.56 -18.45
C ARG F 166 -32.63 5.77 -19.30
N ALA F 167 -31.50 5.75 -20.01
CA ALA F 167 -31.12 6.91 -20.82
C ALA F 167 -32.17 7.19 -21.88
N ALA F 168 -32.55 6.15 -22.63
CA ALA F 168 -33.56 6.33 -23.65
C ALA F 168 -34.86 6.86 -23.06
N ALA F 169 -35.25 6.37 -21.87
CA ALA F 169 -36.47 6.90 -21.25
C ALA F 169 -36.35 8.39 -21.00
N ALA F 170 -35.15 8.85 -20.66
CA ALA F 170 -34.98 10.21 -20.19
C ALA F 170 -35.06 11.24 -21.31
N VAL F 171 -34.92 10.85 -22.58
CA VAL F 171 -35.04 11.81 -23.68
C VAL F 171 -36.36 11.68 -24.42
N ALA F 172 -37.01 10.52 -24.35
CA ALA F 172 -38.09 10.18 -25.27
C ALA F 172 -39.32 11.02 -25.01
#